data_8QRX
#
_entry.id   8QRX
#
_entity_poly.entity_id   1
_entity_poly.type   'polypeptide(L)'
_entity_poly.pdbx_seq_one_letter_code
;GPMATAVQNPLETVVLQAWKDISGADDFTTTDSFLGHGGN(WP9)LHFVQLASRLQKIFGVEVSTEDVFRHGTVEQLARF
VEQSRDTGRNPAAQTQ
;
_entity_poly.pdbx_strand_id   A
#
loop_
_chem_comp.id
_chem_comp.type
_chem_comp.name
_chem_comp.formula
WP9 non-polymer '~{S}-[2-[3-[[(2~{R})-4-[[(2~{S})-2-azanyl-3-oxidanylidene-propoxy]-oxidanyl-phosphoryl]oxy-3,3-dimethyl-2-oxidanyl-butanoyl]amino]propanoylamino]ethyl] 2-azanylbenzenecarbothioate' 'C21 H33 N4 O9 P S'
#
# COMPACT_ATOMS: atom_id res chain seq x y z
N GLY A 1 5.37 -14.13 -3.11
CA GLY A 1 4.25 -14.82 -3.80
C GLY A 1 3.28 -13.84 -4.44
N PRO A 2 3.14 -13.87 -5.77
CA PRO A 2 2.23 -12.98 -6.50
C PRO A 2 0.79 -13.13 -6.06
N MET A 3 0.29 -12.12 -5.35
CA MET A 3 -1.08 -12.09 -4.85
C MET A 3 -1.35 -13.30 -3.94
N ALA A 4 -0.34 -13.69 -3.18
CA ALA A 4 -0.45 -14.81 -2.26
C ALA A 4 -1.28 -14.41 -1.04
N THR A 5 -0.84 -13.39 -0.33
CA THR A 5 -1.56 -12.88 0.82
C THR A 5 -2.54 -11.80 0.39
N ALA A 6 -3.82 -12.14 0.36
CA ALA A 6 -4.84 -11.22 -0.11
C ALA A 6 -6.10 -11.31 0.73
N VAL A 7 -6.19 -10.48 1.76
CA VAL A 7 -7.36 -10.44 2.63
C VAL A 7 -8.42 -9.53 2.01
N GLN A 8 -9.05 -10.03 0.95
CA GLN A 8 -10.10 -9.32 0.22
C GLN A 8 -9.51 -8.18 -0.63
N ASN A 9 -8.19 -8.12 -0.75
CA ASN A 9 -7.55 -7.17 -1.65
C ASN A 9 -6.48 -7.87 -2.46
N PRO A 10 -6.64 -7.91 -3.79
CA PRO A 10 -5.62 -8.49 -4.67
C PRO A 10 -4.36 -7.64 -4.71
N LEU A 11 -4.52 -6.37 -4.37
CA LEU A 11 -3.42 -5.41 -4.41
C LEU A 11 -2.51 -5.49 -3.20
N GLU A 12 -3.07 -5.81 -2.04
CA GLU A 12 -2.34 -5.68 -0.77
C GLU A 12 -1.03 -6.45 -0.78
N THR A 13 -0.93 -7.43 -1.67
CA THR A 13 0.23 -8.29 -1.74
C THR A 13 1.45 -7.56 -2.35
N VAL A 14 1.21 -6.51 -3.12
CA VAL A 14 2.31 -5.74 -3.67
C VAL A 14 2.76 -4.68 -2.67
N VAL A 15 1.86 -4.29 -1.77
CA VAL A 15 2.11 -3.20 -0.84
C VAL A 15 3.18 -3.58 0.18
N LEU A 16 2.96 -4.69 0.87
CA LEU A 16 3.92 -5.16 1.86
C LEU A 16 5.23 -5.59 1.19
N GLN A 17 5.12 -5.99 -0.07
CA GLN A 17 6.27 -6.41 -0.84
C GLN A 17 7.23 -5.23 -1.04
N ALA A 18 6.65 -4.04 -1.11
CA ALA A 18 7.44 -2.83 -1.17
C ALA A 18 8.15 -2.60 0.16
N TRP A 19 7.41 -2.72 1.25
CA TRP A 19 7.95 -2.52 2.58
C TRP A 19 9.09 -3.50 2.88
N LYS A 20 8.98 -4.71 2.34
CA LYS A 20 10.04 -5.71 2.45
C LYS A 20 11.32 -5.22 1.81
N ASP A 21 11.18 -4.48 0.71
CA ASP A 21 12.33 -3.98 -0.03
C ASP A 21 12.82 -2.66 0.57
N ILE A 22 11.89 -1.82 0.99
CA ILE A 22 12.22 -0.52 1.57
C ILE A 22 12.92 -0.68 2.92
N SER A 23 12.22 -1.25 3.88
CA SER A 23 12.73 -1.37 5.23
C SER A 23 13.51 -2.67 5.42
N GLY A 24 13.09 -3.71 4.73
CA GLY A 24 13.75 -5.00 4.89
C GLY A 24 12.93 -5.95 5.74
N ALA A 25 11.70 -5.58 6.02
CA ALA A 25 10.82 -6.39 6.85
C ALA A 25 10.17 -7.50 6.05
N ASP A 26 10.87 -8.62 5.93
CA ASP A 26 10.38 -9.77 5.18
C ASP A 26 9.19 -10.40 5.88
N ASP A 27 9.22 -10.40 7.21
CA ASP A 27 8.19 -11.05 8.01
C ASP A 27 7.04 -10.11 8.31
N PHE A 28 6.84 -9.13 7.47
CA PHE A 28 5.73 -8.21 7.60
C PHE A 28 4.53 -8.72 6.80
N THR A 29 3.39 -8.88 7.46
CA THR A 29 2.19 -9.39 6.81
C THR A 29 1.26 -8.25 6.41
N THR A 30 0.20 -8.54 5.68
CA THR A 30 -0.67 -7.48 5.18
C THR A 30 -1.55 -6.90 6.28
N THR A 31 -2.03 -7.77 7.16
CA THR A 31 -2.89 -7.35 8.24
C THR A 31 -2.08 -6.82 9.43
N ASP A 32 -0.77 -6.78 9.26
CA ASP A 32 0.12 -6.27 10.30
C ASP A 32 0.34 -4.78 10.10
N SER A 33 0.70 -4.09 11.16
CA SER A 33 0.85 -2.65 11.12
C SER A 33 2.32 -2.25 11.05
N PHE A 34 2.65 -1.31 10.18
CA PHE A 34 4.04 -0.85 10.04
C PHE A 34 4.61 -0.45 11.40
N LEU A 35 3.89 0.47 12.04
CA LEU A 35 4.34 1.11 13.26
C LEU A 35 4.32 0.15 14.43
N GLY A 36 3.44 -0.84 14.37
CA GLY A 36 3.39 -1.87 15.40
C GLY A 36 4.50 -2.88 15.21
N HIS A 37 4.97 -3.00 13.98
CA HIS A 37 6.05 -3.92 13.65
C HIS A 37 7.39 -3.19 13.82
N GLY A 38 7.31 -1.88 13.94
CA GLY A 38 8.51 -1.07 14.02
C GLY A 38 8.85 -0.44 12.68
N GLY A 39 8.53 0.83 12.53
CA GLY A 39 8.79 1.50 11.27
C GLY A 39 9.52 2.81 11.46
N ASN A 40 10.29 3.21 10.46
CA ASN A 40 11.02 4.48 10.52
C ASN A 40 10.30 5.54 9.72
N WP9 A 41 10.20 6.71 10.33
CA WP9 A 41 9.35 7.79 9.87
C WP9 A 41 9.58 8.15 8.41
O WP9 A 41 8.64 8.43 7.67
CB WP9 A 41 9.56 9.02 10.74
OG WP9 A 41 10.67 9.81 10.28
P24 WP9 A 41 10.80 11.35 10.71
C11 WP9 A 41 1.79 12.63 10.34
O11 WP9 A 41 0.58 12.42 10.31
C12 WP9 A 41 2.52 12.52 11.53
C13 WP9 A 41 2.20 13.32 12.64
N13 WP9 A 41 1.18 14.16 12.49
C14 WP9 A 41 3.57 11.63 11.62
C15 WP9 A 41 2.93 13.22 13.81
C16 WP9 A 41 4.31 11.52 12.80
C17 WP9 A 41 3.98 12.33 13.90
O23 WP9 A 41 10.97 11.37 12.30
O26 WP9 A 41 11.91 12.06 10.03
O27 WP9 A 41 9.35 11.97 10.39
C28 WP9 A 41 9.04 12.47 9.09
C29 WP9 A 41 7.52 12.40 8.83
C30 WP9 A 41 7.25 12.77 7.38
C31 WP9 A 41 7.04 10.96 9.02
C32 WP9 A 41 6.74 13.34 9.78
O33 WP9 A 41 7.35 13.39 11.07
C34 WP9 A 41 6.68 14.77 9.23
O35 WP9 A 41 7.62 15.55 9.35
N36 WP9 A 41 5.53 15.08 8.60
C37 WP9 A 41 5.27 16.38 8.00
C38 WP9 A 41 4.92 16.24 6.52
C39 WP9 A 41 4.17 14.93 6.29
O40 WP9 A 41 4.77 13.93 5.89
N41 WP9 A 41 2.86 14.96 6.55
C42 WP9 A 41 2.00 13.78 6.37
C43 WP9 A 41 1.45 13.37 7.72
S44 WP9 A 41 2.76 13.08 8.96
H1 WP9 A 41 10.75 6.85 11.13
HA WP9 A 41 8.32 7.46 9.99
HB1 WP9 A 41 9.77 8.71 11.75
HB2 WP9 A 41 8.67 9.62 10.74
H131 WP9 A 41 0.39 14.10 13.10
H132 WP9 A 41 1.21 14.88 11.79
H14 WP9 A 41 3.83 10.99 10.77
H15 WP9 A 41 2.66 13.86 14.67
H16 WP9 A 41 5.14 10.82 12.87
H17 WP9 A 41 4.55 12.25 14.83
H281 WP9 A 41 9.37 13.52 9.03
H282 WP9 A 41 9.56 11.87 8.34
H302 WP9 A 41 7.60 13.78 7.18
H303 WP9 A 41 6.18 12.71 7.18
H301 WP9 A 41 7.77 12.07 6.71
H312 WP9 A 41 5.97 10.90 8.78
H313 WP9 A 41 7.20 10.66 10.06
H311 WP9 A 41 7.60 10.29 8.37
H32 WP9 A 41 5.72 12.97 9.88
H33 WP9 A 41 7.36 12.48 11.48
H36 WP9 A 41 4.78 14.42 8.51
H371 WP9 A 41 6.17 17.01 8.09
H372 WP9 A 41 4.42 16.85 8.51
H381 WP9 A 41 5.84 16.23 5.94
H382 WP9 A 41 4.27 17.07 6.23
H41 WP9 A 41 2.39 15.78 6.87
H422 WP9 A 41 1.17 14.04 5.70
H421 WP9 A 41 2.61 12.97 5.95
H431 WP9 A 41 0.79 14.17 8.08
H432 WP9 A 41 0.89 12.43 7.58
N LEU A 42 10.84 8.16 7.99
CA LEU A 42 11.19 8.56 6.63
C LEU A 42 10.87 7.45 5.64
N HIS A 43 10.86 6.21 6.12
CA HIS A 43 10.53 5.08 5.28
C HIS A 43 9.05 5.09 4.91
N PHE A 44 8.23 5.69 5.77
CA PHE A 44 6.81 5.89 5.45
C PHE A 44 6.68 6.84 4.27
N VAL A 45 7.55 7.84 4.25
CA VAL A 45 7.59 8.80 3.15
C VAL A 45 7.99 8.11 1.86
N GLN A 46 9.07 7.33 1.93
CA GLN A 46 9.55 6.58 0.78
C GLN A 46 8.50 5.59 0.30
N LEU A 47 7.93 4.86 1.24
CA LEU A 47 6.89 3.86 0.96
C LEU A 47 5.71 4.47 0.24
N ALA A 48 5.21 5.57 0.79
CA ALA A 48 4.02 6.23 0.27
C ALA A 48 4.14 6.52 -1.22
N SER A 49 5.18 7.23 -1.60
CA SER A 49 5.36 7.61 -2.99
C SER A 49 5.81 6.41 -3.84
N ARG A 50 6.35 5.39 -3.19
CA ARG A 50 6.66 4.13 -3.87
C ARG A 50 5.36 3.43 -4.24
N LEU A 51 4.43 3.41 -3.28
CA LEU A 51 3.11 2.82 -3.48
C LEU A 51 2.34 3.58 -4.54
N GLN A 52 2.48 4.90 -4.52
CA GLN A 52 1.83 5.79 -5.49
C GLN A 52 2.04 5.29 -6.93
N LYS A 53 3.22 4.75 -7.18
CA LYS A 53 3.57 4.25 -8.50
C LYS A 53 2.79 2.99 -8.84
N ILE A 54 2.91 1.98 -7.98
CA ILE A 54 2.28 0.68 -8.23
C ILE A 54 0.76 0.73 -8.07
N PHE A 55 0.27 1.75 -7.38
CA PHE A 55 -1.17 1.89 -7.19
C PHE A 55 -1.80 2.69 -8.32
N GLY A 56 -1.04 3.65 -8.84
CA GLY A 56 -1.58 4.57 -9.83
C GLY A 56 -2.49 5.58 -9.18
N VAL A 57 -2.43 5.64 -7.86
CA VAL A 57 -3.27 6.52 -7.06
C VAL A 57 -2.38 7.49 -6.29
N GLU A 58 -2.89 8.67 -5.99
CA GLU A 58 -2.13 9.67 -5.26
C GLU A 58 -1.89 9.21 -3.83
N VAL A 59 -0.65 8.93 -3.48
CA VAL A 59 -0.32 8.44 -2.15
C VAL A 59 0.84 9.22 -1.55
N SER A 60 0.59 9.79 -0.37
CA SER A 60 1.62 10.50 0.37
C SER A 60 1.78 9.87 1.75
N THR A 61 2.71 10.38 2.55
CA THR A 61 3.02 9.78 3.85
C THR A 61 1.77 9.67 4.74
N GLU A 62 0.87 10.64 4.60
CA GLU A 62 -0.35 10.71 5.39
C GLU A 62 -1.11 9.39 5.39
N ASP A 63 -1.38 8.85 4.21
CA ASP A 63 -2.24 7.68 4.09
C ASP A 63 -1.60 6.44 4.70
N VAL A 64 -0.31 6.22 4.45
CA VAL A 64 0.36 5.03 4.97
C VAL A 64 0.49 5.12 6.49
N PHE A 65 0.48 6.34 7.01
CA PHE A 65 0.55 6.56 8.44
C PHE A 65 -0.82 6.38 9.09
N ARG A 66 -1.86 6.83 8.40
CA ARG A 66 -3.22 6.80 8.94
C ARG A 66 -3.77 5.37 9.03
N HIS A 67 -3.67 4.62 7.94
CA HIS A 67 -4.31 3.30 7.88
C HIS A 67 -3.51 2.27 8.68
N GLY A 68 -2.23 2.54 8.89
CA GLY A 68 -1.40 1.69 9.73
C GLY A 68 -1.01 0.37 9.08
N THR A 69 -1.92 -0.21 8.30
CA THR A 69 -1.69 -1.51 7.70
C THR A 69 -1.82 -1.43 6.19
N VAL A 70 -1.16 -2.35 5.49
CA VAL A 70 -1.23 -2.40 4.03
C VAL A 70 -2.56 -2.99 3.59
N GLU A 71 -3.19 -3.74 4.48
CA GLU A 71 -4.53 -4.27 4.24
C GLU A 71 -5.53 -3.13 4.13
N GLN A 72 -5.44 -2.18 5.06
CA GLN A 72 -6.31 -1.01 5.04
C GLN A 72 -5.88 -0.02 3.96
N LEU A 73 -4.65 -0.13 3.50
CA LEU A 73 -4.19 0.68 2.38
C LEU A 73 -4.81 0.17 1.09
N ALA A 74 -4.64 -1.11 0.82
CA ALA A 74 -5.21 -1.73 -0.37
C ALA A 74 -6.72 -1.59 -0.36
N ARG A 75 -7.29 -1.56 0.85
CA ARG A 75 -8.71 -1.38 1.05
C ARG A 75 -9.22 -0.13 0.31
N PHE A 76 -8.53 0.99 0.48
CA PHE A 76 -8.94 2.23 -0.17
C PHE A 76 -8.41 2.30 -1.60
N VAL A 77 -7.21 1.77 -1.82
CA VAL A 77 -6.56 1.86 -3.12
C VAL A 77 -7.32 1.10 -4.19
N GLU A 78 -7.68 -0.14 -3.89
CA GLU A 78 -8.41 -0.97 -4.86
C GLU A 78 -9.71 -0.31 -5.28
N GLN A 79 -10.32 0.45 -4.36
CA GLN A 79 -11.54 1.17 -4.66
C GLN A 79 -11.24 2.40 -5.49
N SER A 80 -10.19 3.13 -5.13
CA SER A 80 -9.77 4.32 -5.88
C SER A 80 -9.27 3.93 -7.26
N ARG A 81 -8.69 2.74 -7.38
CA ARG A 81 -8.23 2.23 -8.66
C ARG A 81 -9.40 1.81 -9.53
N ASP A 82 -10.42 1.24 -8.90
CA ASP A 82 -11.60 0.78 -9.61
C ASP A 82 -12.47 1.94 -10.05
N THR A 83 -12.64 2.92 -9.18
CA THR A 83 -13.47 4.07 -9.48
C THR A 83 -12.73 5.08 -10.35
N GLY A 84 -11.41 5.13 -10.18
CA GLY A 84 -10.59 6.02 -10.98
C GLY A 84 -10.65 7.45 -10.48
N ARG A 85 -11.01 8.37 -11.36
CA ARG A 85 -11.16 9.77 -10.98
C ARG A 85 -12.60 10.05 -10.57
N ASN A 86 -12.87 11.29 -10.17
CA ASN A 86 -14.19 11.69 -9.69
C ASN A 86 -14.60 10.88 -8.46
N PRO A 87 -14.15 11.33 -7.28
CA PRO A 87 -14.39 10.63 -6.00
C PRO A 87 -15.86 10.33 -5.73
N ALA A 88 -16.16 9.05 -5.58
CA ALA A 88 -17.51 8.59 -5.24
C ALA A 88 -18.56 9.14 -6.22
N ALA A 89 -18.24 9.06 -7.52
CA ALA A 89 -19.13 9.55 -8.55
C ALA A 89 -20.30 8.60 -8.77
N GLN A 90 -21.40 8.86 -8.08
CA GLN A 90 -22.60 8.05 -8.24
C GLN A 90 -23.58 8.77 -9.15
N THR A 91 -24.58 8.04 -9.65
CA THR A 91 -25.56 8.58 -10.60
C THR A 91 -24.87 9.32 -11.75
N GLN A 92 -24.05 8.59 -12.50
CA GLN A 92 -23.23 9.18 -13.54
C GLN A 92 -24.06 9.44 -14.79
N GLY A 1 -4.90 -9.84 4.01
CA GLY A 1 -5.04 -11.31 4.21
C GLY A 1 -3.80 -12.06 3.79
N PRO A 2 -3.85 -13.39 3.69
CA PRO A 2 -2.71 -14.20 3.26
C PRO A 2 -2.42 -14.04 1.76
N MET A 3 -1.98 -12.85 1.38
CA MET A 3 -1.58 -12.55 0.00
C MET A 3 -2.77 -12.66 -0.94
N ALA A 4 -3.80 -11.88 -0.64
CA ALA A 4 -4.98 -11.75 -1.51
C ALA A 4 -5.64 -13.10 -1.77
N THR A 5 -5.91 -13.86 -0.72
CA THR A 5 -6.60 -15.12 -0.85
C THR A 5 -8.00 -14.93 -1.42
N ALA A 6 -8.84 -14.22 -0.68
CA ALA A 6 -10.20 -13.92 -1.11
C ALA A 6 -10.78 -12.81 -0.26
N VAL A 7 -10.02 -11.74 -0.11
CA VAL A 7 -10.43 -10.63 0.74
C VAL A 7 -10.69 -9.38 -0.10
N GLN A 8 -10.92 -9.62 -1.39
CA GLN A 8 -11.23 -8.56 -2.36
C GLN A 8 -10.11 -7.52 -2.46
N ASN A 9 -8.91 -7.90 -2.06
CA ASN A 9 -7.77 -6.99 -2.09
C ASN A 9 -6.56 -7.66 -2.75
N PRO A 10 -6.53 -7.71 -4.08
CA PRO A 10 -5.40 -8.30 -4.82
C PRO A 10 -4.16 -7.40 -4.74
N LEU A 11 -4.37 -6.18 -4.29
CA LEU A 11 -3.31 -5.20 -4.20
C LEU A 11 -2.44 -5.39 -2.98
N GLU A 12 -3.04 -5.82 -1.88
CA GLU A 12 -2.36 -5.86 -0.57
C GLU A 12 -0.99 -6.49 -0.67
N THR A 13 -0.88 -7.49 -1.54
CA THR A 13 0.33 -8.28 -1.65
C THR A 13 1.50 -7.52 -2.28
N VAL A 14 1.21 -6.53 -3.09
CA VAL A 14 2.27 -5.75 -3.71
C VAL A 14 2.71 -4.62 -2.78
N VAL A 15 1.82 -4.22 -1.87
CA VAL A 15 2.08 -3.10 -0.98
C VAL A 15 3.18 -3.43 0.01
N LEU A 16 3.00 -4.51 0.76
CA LEU A 16 3.99 -4.91 1.76
C LEU A 16 5.26 -5.41 1.07
N GLN A 17 5.11 -5.86 -0.17
CA GLN A 17 6.25 -6.30 -0.97
C GLN A 17 7.23 -5.16 -1.16
N ALA A 18 6.69 -3.95 -1.28
CA ALA A 18 7.50 -2.75 -1.38
C ALA A 18 8.21 -2.50 -0.06
N TRP A 19 7.47 -2.63 1.03
CA TRP A 19 8.00 -2.38 2.37
C TRP A 19 9.16 -3.33 2.69
N LYS A 20 9.07 -4.55 2.16
CA LYS A 20 10.13 -5.53 2.35
C LYS A 20 11.45 -5.04 1.77
N ASP A 21 11.36 -4.28 0.69
CA ASP A 21 12.54 -3.69 0.06
C ASP A 21 12.92 -2.40 0.76
N ILE A 22 11.91 -1.66 1.23
CA ILE A 22 12.13 -0.39 1.90
C ILE A 22 12.79 -0.58 3.27
N SER A 23 12.11 -1.28 4.15
CA SER A 23 12.59 -1.43 5.52
C SER A 23 13.50 -2.66 5.63
N GLY A 24 13.11 -3.76 5.01
CA GLY A 24 13.93 -4.96 5.04
C GLY A 24 13.19 -6.16 5.61
N ALA A 25 12.10 -5.91 6.32
CA ALA A 25 11.34 -6.97 6.96
C ALA A 25 10.50 -7.74 5.94
N ASP A 26 10.89 -8.98 5.66
CA ASP A 26 10.16 -9.84 4.74
C ASP A 26 9.06 -10.60 5.48
N ASP A 27 9.20 -10.70 6.80
CA ASP A 27 8.24 -11.43 7.63
C ASP A 27 6.97 -10.60 7.83
N PHE A 28 7.03 -9.34 7.44
CA PHE A 28 5.91 -8.43 7.59
C PHE A 28 4.67 -8.96 6.86
N THR A 29 3.56 -9.05 7.59
CA THR A 29 2.32 -9.55 7.02
C THR A 29 1.42 -8.40 6.57
N THR A 30 0.27 -8.72 5.98
CA THR A 30 -0.61 -7.69 5.46
C THR A 30 -1.50 -7.11 6.57
N THR A 31 -1.77 -7.92 7.59
CA THR A 31 -2.62 -7.51 8.68
C THR A 31 -1.81 -6.85 9.80
N ASP A 32 -0.50 -6.80 9.63
CA ASP A 32 0.37 -6.16 10.61
C ASP A 32 0.57 -4.70 10.23
N SER A 33 0.73 -3.86 11.24
CA SER A 33 0.92 -2.44 11.01
C SER A 33 2.41 -2.09 11.04
N PHE A 34 2.83 -1.19 10.16
CA PHE A 34 4.23 -0.75 10.14
C PHE A 34 4.63 -0.24 11.51
N LEU A 35 3.81 0.65 12.04
CA LEU A 35 4.09 1.35 13.28
C LEU A 35 3.98 0.41 14.48
N GLY A 36 3.12 -0.60 14.35
CA GLY A 36 2.90 -1.53 15.44
C GLY A 36 4.13 -2.35 15.77
N HIS A 37 4.89 -2.73 14.76
CA HIS A 37 6.12 -3.47 14.98
C HIS A 37 7.31 -2.52 15.04
N GLY A 38 7.02 -1.22 15.00
CA GLY A 38 8.07 -0.22 14.99
C GLY A 38 8.43 0.20 13.58
N GLY A 39 8.02 1.40 13.21
CA GLY A 39 8.30 1.88 11.87
C GLY A 39 9.18 3.11 11.88
N ASN A 40 10.00 3.26 10.86
CA ASN A 40 10.89 4.40 10.74
C ASN A 40 10.28 5.45 9.84
N WP9 A 41 10.34 6.69 10.31
CA WP9 A 41 9.54 7.79 9.78
C WP9 A 41 9.72 7.99 8.27
O WP9 A 41 8.72 8.17 7.55
CB WP9 A 41 9.89 9.08 10.52
OG WP9 A 41 10.89 9.84 9.82
P24 WP9 A 41 11.05 11.40 10.12
C11 WP9 A 41 2.38 11.88 8.78
O11 WP9 A 41 1.64 10.89 8.81
C12 WP9 A 41 2.35 12.81 9.81
C13 WP9 A 41 1.21 13.55 10.09
N13 WP9 A 41 0.14 13.32 9.34
C14 WP9 A 41 3.50 13.02 10.58
C15 WP9 A 41 1.19 14.47 11.12
C16 WP9 A 41 3.49 13.95 11.61
C17 WP9 A 41 2.33 14.68 11.88
O23 WP9 A 41 11.49 11.55 11.65
O26 WP9 A 41 12.01 12.08 9.22
O27 WP9 A 41 9.55 11.99 10.00
C28 WP9 A 41 9.00 12.30 8.72
C29 WP9 A 41 7.47 12.26 8.77
C30 WP9 A 41 6.92 12.42 7.35
C31 WP9 A 41 7.00 10.90 9.26
C32 WP9 A 41 6.92 13.39 9.68
O33 WP9 A 41 7.47 13.28 10.99
C34 WP9 A 41 7.27 14.76 9.09
O35 WP9 A 41 8.32 15.32 9.39
N36 WP9 A 41 6.34 15.27 8.28
C37 WP9 A 41 6.49 16.57 7.61
C38 WP9 A 41 6.43 16.36 6.11
C39 WP9 A 41 5.01 16.00 5.69
O40 WP9 A 41 4.25 16.85 5.23
N41 WP9 A 41 4.68 14.71 5.83
C42 WP9 A 41 3.36 14.19 5.48
C43 WP9 A 41 2.65 13.66 6.71
S44 WP9 A 41 3.49 12.23 7.48
H1 WP9 A 41 10.95 6.87 11.05
HA WP9 A 41 8.51 7.56 9.97
HB1 WP9 A 41 10.26 8.83 11.49
HB2 WP9 A 41 9.00 9.68 10.61
H131 WP9 A 41 -0.26 14.07 8.80
H132 WP9 A 41 -0.26 12.40 9.29
H14 WP9 A 41 4.41 12.45 10.36
H15 WP9 A 41 0.28 15.04 11.33
H16 WP9 A 41 4.39 14.11 12.22
H17 WP9 A 41 2.33 15.41 12.70
H281 WP9 A 41 9.33 13.30 8.43
H282 WP9 A 41 9.36 11.55 8.00
H302 WP9 A 41 5.83 12.38 7.38
H303 WP9 A 41 7.30 11.62 6.72
H301 WP9 A 41 7.24 13.38 6.94
H312 WP9 A 41 7.38 10.71 10.26
H313 WP9 A 41 7.38 10.12 8.58
H311 WP9 A 41 5.91 10.87 9.27
H32 WP9 A 41 5.83 13.29 9.74
H33 WP9 A 41 7.23 12.40 11.39
H36 WP9 A 41 5.49 14.80 8.07
H371 WP9 A 41 7.47 16.99 7.88
H372 WP9 A 41 5.68 17.23 7.92
H381 WP9 A 41 7.10 15.54 5.84
H382 WP9 A 41 6.73 17.29 5.61
H41 WP9 A 41 5.32 14.02 6.19
H422 WP9 A 41 2.76 15.00 5.04
H421 WP9 A 41 3.48 13.37 4.76
H431 WP9 A 41 2.62 14.47 7.46
H432 WP9 A 41 1.64 13.35 6.42
N LEU A 42 10.95 7.95 7.78
CA LEU A 42 11.21 8.25 6.38
C LEU A 42 10.79 7.11 5.47
N HIS A 43 10.74 5.91 6.03
CA HIS A 43 10.33 4.73 5.27
C HIS A 43 8.88 4.88 4.81
N PHE A 44 8.04 5.48 5.65
CA PHE A 44 6.66 5.75 5.29
C PHE A 44 6.59 6.73 4.13
N VAL A 45 7.45 7.74 4.19
CA VAL A 45 7.51 8.79 3.20
C VAL A 45 7.86 8.22 1.82
N GLN A 46 8.83 7.32 1.80
CA GLN A 46 9.27 6.71 0.56
C GLN A 46 8.26 5.68 0.09
N LEU A 47 7.70 4.95 1.05
CA LEU A 47 6.70 3.93 0.78
C LEU A 47 5.53 4.50 -0.02
N ALA A 48 4.92 5.54 0.52
CA ALA A 48 3.72 6.14 -0.05
C ALA A 48 3.90 6.51 -1.52
N SER A 49 4.95 7.26 -1.82
CA SER A 49 5.17 7.76 -3.17
C SER A 49 5.67 6.63 -4.09
N ARG A 50 6.30 5.60 -3.51
CA ARG A 50 6.69 4.43 -4.28
C ARG A 50 5.45 3.65 -4.68
N LEU A 51 4.54 3.50 -3.72
CA LEU A 51 3.29 2.78 -3.95
C LEU A 51 2.47 3.45 -5.05
N GLN A 52 2.62 4.77 -5.17
CA GLN A 52 1.90 5.56 -6.17
C GLN A 52 2.06 4.93 -7.56
N LYS A 53 3.26 4.45 -7.86
CA LYS A 53 3.58 3.91 -9.18
C LYS A 53 2.81 2.63 -9.45
N ILE A 54 2.73 1.77 -8.45
CA ILE A 54 2.08 0.47 -8.60
C ILE A 54 0.58 0.55 -8.34
N PHE A 55 0.15 1.62 -7.68
CA PHE A 55 -1.27 1.80 -7.39
C PHE A 55 -1.96 2.56 -8.51
N GLY A 56 -1.23 3.48 -9.12
CA GLY A 56 -1.82 4.36 -10.11
C GLY A 56 -2.56 5.50 -9.45
N VAL A 57 -2.34 5.65 -8.15
CA VAL A 57 -3.00 6.68 -7.36
C VAL A 57 -1.97 7.43 -6.54
N GLU A 58 -2.10 8.74 -6.47
CA GLU A 58 -1.18 9.55 -5.68
C GLU A 58 -1.40 9.33 -4.19
N VAL A 59 -0.39 8.76 -3.55
CA VAL A 59 -0.45 8.46 -2.12
C VAL A 59 0.63 9.24 -1.38
N SER A 60 0.27 9.87 -0.28
CA SER A 60 1.23 10.60 0.52
C SER A 60 1.50 9.86 1.83
N THR A 61 2.46 10.35 2.61
CA THR A 61 2.89 9.63 3.81
C THR A 61 1.72 9.43 4.78
N GLU A 62 0.89 10.45 4.95
CA GLU A 62 -0.24 10.39 5.87
C GLU A 62 -1.16 9.23 5.55
N ASP A 63 -1.34 8.95 4.26
CA ASP A 63 -2.23 7.88 3.81
C ASP A 63 -1.80 6.54 4.40
N VAL A 64 -0.51 6.23 4.27
CA VAL A 64 0.01 4.95 4.72
C VAL A 64 0.20 4.95 6.23
N PHE A 65 0.49 6.12 6.77
CA PHE A 65 0.69 6.32 8.20
C PHE A 65 -0.64 6.18 8.94
N ARG A 66 -1.71 6.55 8.26
CA ARG A 66 -3.05 6.58 8.83
C ARG A 66 -3.62 5.17 9.01
N HIS A 67 -3.52 4.33 7.98
CA HIS A 67 -4.15 3.01 8.05
C HIS A 67 -3.26 2.00 8.75
N GLY A 68 -1.96 2.25 8.76
CA GLY A 68 -1.04 1.39 9.47
C GLY A 68 -0.80 0.04 8.79
N THR A 69 -1.86 -0.56 8.25
CA THR A 69 -1.78 -1.90 7.68
C THR A 69 -2.02 -1.87 6.18
N VAL A 70 -1.32 -2.76 5.47
CA VAL A 70 -1.36 -2.77 4.01
C VAL A 70 -2.66 -3.35 3.46
N GLU A 71 -3.35 -4.17 4.25
CA GLU A 71 -4.64 -4.70 3.83
C GLU A 71 -5.65 -3.56 3.74
N GLN A 72 -5.64 -2.70 4.75
CA GLN A 72 -6.51 -1.54 4.78
C GLN A 72 -6.06 -0.51 3.75
N LEU A 73 -4.77 -0.51 3.44
CA LEU A 73 -4.25 0.33 2.36
C LEU A 73 -4.79 -0.15 1.02
N ALA A 74 -4.88 -1.46 0.86
CA ALA A 74 -5.44 -2.03 -0.35
C ALA A 74 -6.94 -1.73 -0.44
N ARG A 75 -7.63 -1.88 0.69
CA ARG A 75 -9.04 -1.52 0.78
C ARG A 75 -9.23 -0.05 0.38
N PHE A 76 -8.28 0.77 0.77
CA PHE A 76 -8.27 2.19 0.44
C PHE A 76 -7.98 2.40 -1.06
N VAL A 77 -6.87 1.87 -1.53
CA VAL A 77 -6.41 2.11 -2.90
C VAL A 77 -7.26 1.40 -3.95
N GLU A 78 -7.56 0.13 -3.73
CA GLU A 78 -8.26 -0.67 -4.73
C GLU A 78 -9.60 -0.04 -5.13
N GLN A 79 -10.29 0.54 -4.16
CA GLN A 79 -11.55 1.22 -4.45
C GLN A 79 -11.28 2.56 -5.12
N SER A 80 -10.23 3.25 -4.67
CA SER A 80 -9.87 4.55 -5.20
C SER A 80 -9.50 4.45 -6.69
N ARG A 81 -8.69 3.45 -7.02
CA ARG A 81 -8.24 3.24 -8.39
C ARG A 81 -9.35 2.66 -9.25
N ASP A 82 -10.28 1.93 -8.62
CA ASP A 82 -11.40 1.34 -9.33
C ASP A 82 -12.38 2.42 -9.75
N THR A 83 -12.47 3.47 -8.93
CA THR A 83 -13.29 4.62 -9.24
C THR A 83 -12.42 5.78 -9.73
N GLY A 84 -11.21 5.46 -10.14
CA GLY A 84 -10.25 6.48 -10.53
C GLY A 84 -10.66 7.20 -11.80
N ARG A 85 -11.59 6.63 -12.54
CA ARG A 85 -12.07 7.23 -13.76
C ARG A 85 -13.49 7.78 -13.59
N ASN A 86 -13.87 8.05 -12.34
CA ASN A 86 -15.19 8.60 -12.05
C ASN A 86 -15.12 10.13 -12.14
N PRO A 87 -16.25 10.79 -12.45
CA PRO A 87 -16.31 12.24 -12.65
C PRO A 87 -16.25 13.04 -11.34
N ALA A 88 -15.24 12.77 -10.52
CA ALA A 88 -15.00 13.50 -9.28
C ALA A 88 -16.20 13.46 -8.34
N ALA A 89 -17.02 12.44 -8.48
CA ALA A 89 -18.20 12.28 -7.63
C ALA A 89 -17.86 11.38 -6.45
N GLN A 90 -17.08 10.34 -6.73
CA GLN A 90 -16.66 9.40 -5.71
C GLN A 90 -15.20 9.63 -5.37
N THR A 91 -14.87 9.47 -4.09
CA THR A 91 -13.51 9.56 -3.63
C THR A 91 -13.35 8.74 -2.37
N GLN A 92 -13.93 9.23 -1.28
CA GLN A 92 -13.90 8.54 0.01
C GLN A 92 -14.77 9.31 1.00
N GLY A 1 4.84 -16.74 1.65
CA GLY A 1 4.85 -16.80 0.17
C GLY A 1 4.09 -15.64 -0.45
N PRO A 2 4.57 -15.10 -1.58
CA PRO A 2 3.93 -13.96 -2.24
C PRO A 2 2.49 -14.27 -2.68
N MET A 3 1.54 -13.50 -2.16
CA MET A 3 0.12 -13.62 -2.50
C MET A 3 -0.53 -14.86 -1.88
N ALA A 4 -0.03 -16.03 -2.24
CA ALA A 4 -0.66 -17.31 -1.86
C ALA A 4 -0.87 -17.44 -0.35
N THR A 5 -0.04 -16.77 0.44
CA THR A 5 -0.15 -16.86 1.88
C THR A 5 -1.32 -16.04 2.43
N ALA A 6 -1.56 -14.86 1.87
CA ALA A 6 -2.57 -13.96 2.41
C ALA A 6 -3.00 -12.89 1.41
N VAL A 7 -4.18 -13.08 0.83
CA VAL A 7 -4.77 -12.07 -0.05
C VAL A 7 -6.27 -11.94 0.20
N GLN A 8 -6.70 -10.75 0.60
CA GLN A 8 -8.11 -10.41 0.63
C GLN A 8 -8.41 -9.44 -0.50
N ASN A 9 -7.63 -8.37 -0.55
CA ASN A 9 -7.67 -7.43 -1.66
C ASN A 9 -6.62 -7.85 -2.69
N PRO A 10 -6.95 -7.79 -3.99
CA PRO A 10 -6.04 -8.22 -5.06
C PRO A 10 -4.71 -7.45 -5.04
N LEU A 11 -4.77 -6.18 -4.67
CA LEU A 11 -3.58 -5.34 -4.58
C LEU A 11 -2.82 -5.58 -3.28
N GLU A 12 -3.50 -6.18 -2.30
CA GLU A 12 -3.00 -6.26 -0.92
C GLU A 12 -1.51 -6.59 -0.86
N THR A 13 -1.09 -7.55 -1.65
CA THR A 13 0.26 -8.07 -1.56
C THR A 13 1.34 -7.14 -2.11
N VAL A 14 1.02 -6.32 -3.11
CA VAL A 14 2.03 -5.49 -3.75
C VAL A 14 2.56 -4.43 -2.77
N VAL A 15 1.71 -4.05 -1.82
CA VAL A 15 2.09 -3.06 -0.81
C VAL A 15 3.15 -3.66 0.10
N LEU A 16 3.00 -4.95 0.37
CA LEU A 16 3.96 -5.70 1.17
C LEU A 16 5.29 -5.76 0.47
N GLN A 17 5.24 -6.21 -0.79
CA GLN A 17 6.43 -6.35 -1.62
C GLN A 17 7.22 -5.05 -1.69
N ALA A 18 6.51 -3.93 -1.55
CA ALA A 18 7.17 -2.64 -1.46
C ALA A 18 7.88 -2.49 -0.13
N TRP A 19 7.13 -2.66 0.97
CA TRP A 19 7.66 -2.48 2.32
C TRP A 19 8.81 -3.45 2.60
N LYS A 20 8.70 -4.67 2.09
CA LYS A 20 9.72 -5.69 2.29
C LYS A 20 11.07 -5.24 1.72
N ASP A 21 11.03 -4.38 0.71
CA ASP A 21 12.25 -3.82 0.14
C ASP A 21 12.66 -2.58 0.92
N ILE A 22 11.69 -1.74 1.24
CA ILE A 22 11.93 -0.47 1.91
C ILE A 22 12.57 -0.67 3.28
N SER A 23 11.87 -1.36 4.17
CA SER A 23 12.36 -1.57 5.52
C SER A 23 13.24 -2.81 5.60
N GLY A 24 12.91 -3.80 4.78
CA GLY A 24 13.60 -5.06 4.83
C GLY A 24 12.83 -6.06 5.67
N ALA A 25 11.67 -5.63 6.16
CA ALA A 25 10.83 -6.47 7.01
C ALA A 25 10.06 -7.48 6.19
N ASP A 26 10.68 -8.62 5.93
CA ASP A 26 10.02 -9.71 5.22
C ASP A 26 9.05 -10.44 6.13
N ASP A 27 9.23 -10.25 7.43
CA ASP A 27 8.39 -10.90 8.44
C ASP A 27 7.12 -10.09 8.66
N PHE A 28 6.94 -9.05 7.85
CA PHE A 28 5.76 -8.20 7.92
C PHE A 28 4.64 -8.78 7.07
N THR A 29 3.48 -9.01 7.69
CA THR A 29 2.34 -9.60 7.00
C THR A 29 1.33 -8.53 6.57
N THR A 30 0.24 -8.94 5.92
CA THR A 30 -0.69 -7.99 5.33
C THR A 30 -1.57 -7.31 6.39
N THR A 31 -1.90 -8.04 7.44
CA THR A 31 -2.81 -7.53 8.46
C THR A 31 -2.07 -6.82 9.59
N ASP A 32 -0.75 -6.72 9.47
CA ASP A 32 0.07 -6.11 10.52
C ASP A 32 0.30 -4.62 10.22
N SER A 33 0.60 -3.85 11.26
CA SER A 33 0.83 -2.42 11.11
C SER A 33 2.33 -2.10 11.03
N PHE A 34 2.70 -1.18 10.15
CA PHE A 34 4.12 -0.81 9.96
C PHE A 34 4.75 -0.35 11.26
N LEU A 35 4.08 0.58 11.90
CA LEU A 35 4.66 1.35 12.98
C LEU A 35 4.98 0.49 14.19
N GLY A 36 4.06 -0.38 14.58
CA GLY A 36 4.31 -1.29 15.68
C GLY A 36 5.31 -2.37 15.32
N HIS A 37 5.68 -2.42 14.05
CA HIS A 37 6.62 -3.42 13.56
C HIS A 37 8.01 -2.82 13.46
N GLY A 38 8.25 -1.77 14.23
CA GLY A 38 9.52 -1.07 14.17
C GLY A 38 9.63 -0.21 12.94
N GLY A 39 8.51 0.41 12.59
CA GLY A 39 8.45 1.22 11.39
C GLY A 39 9.24 2.51 11.52
N ASN A 40 10.08 2.78 10.54
CA ASN A 40 10.84 4.01 10.51
C ASN A 40 10.06 5.08 9.80
N WP9 A 41 10.12 6.27 10.35
CA WP9 A 41 9.29 7.37 9.91
C WP9 A 41 9.64 7.79 8.48
O WP9 A 41 8.77 8.20 7.72
CB WP9 A 41 9.45 8.56 10.85
OG WP9 A 41 10.48 9.45 10.41
P24 WP9 A 41 10.56 10.93 11.02
C11 WP9 A 41 2.04 13.52 10.33
O11 WP9 A 41 2.21 14.74 10.27
C12 WP9 A 41 2.54 12.78 11.40
C13 WP9 A 41 2.12 13.05 12.70
N13 WP9 A 41 1.23 14.03 12.87
C14 WP9 A 41 3.47 11.77 11.17
C15 WP9 A 41 2.63 12.33 13.79
C16 WP9 A 41 3.98 11.04 12.25
C17 WP9 A 41 3.56 11.32 13.55
O23 WP9 A 41 10.57 10.77 12.61
O26 WP9 A 41 11.73 11.71 10.54
O27 WP9 A 41 9.15 11.60 10.63
C28 WP9 A 41 8.92 12.09 9.31
C29 WP9 A 41 7.45 11.91 8.91
C30 WP9 A 41 7.27 12.26 7.43
C31 WP9 A 41 7.05 10.45 9.06
C32 WP9 A 41 6.52 12.79 9.78
O33 WP9 A 41 6.76 12.53 11.17
C34 WP9 A 41 6.74 14.28 9.51
O35 WP9 A 41 7.53 14.95 10.18
N36 WP9 A 41 5.99 14.77 8.51
C37 WP9 A 41 6.04 16.17 8.09
C38 WP9 A 41 4.64 16.76 8.20
C39 WP9 A 41 3.69 16.03 7.26
O40 WP9 A 41 3.44 16.48 6.14
N41 WP9 A 41 3.19 14.88 7.75
C42 WP9 A 41 2.26 14.05 6.98
C43 WP9 A 41 0.99 13.81 7.78
S44 WP9 A 41 1.17 12.59 9.13
H1 WP9 A 41 10.75 6.42 11.10
HA WP9 A 41 8.26 7.05 9.93
HB1 WP9 A 41 9.72 8.20 11.84
HB2 WP9 A 41 8.53 9.10 10.90
H131 WP9 A 41 1.45 14.82 13.44
H132 WP9 A 41 0.34 13.96 12.44
H14 WP9 A 41 3.80 11.55 10.15
H15 WP9 A 41 2.31 12.56 14.79
H16 WP9 A 41 4.71 10.24 12.07
H17 WP9 A 41 3.96 10.75 14.39
H281 WP9 A 41 9.18 13.15 9.27
H282 WP9 A 41 9.55 11.53 8.60
H302 WP9 A 41 6.22 12.12 7.15
H303 WP9 A 41 7.90 11.61 6.83
H301 WP9 A 41 7.55 13.30 7.27
H312 WP9 A 41 6.02 10.31 8.72
H313 WP9 A 41 7.11 10.16 10.11
H311 WP9 A 41 7.73 9.82 8.48
H32 WP9 A 41 5.49 12.54 9.54
H33 WP9 A 41 6.58 11.56 11.37
H36 WP9 A 41 5.35 14.21 7.99
H371 WP9 A 41 6.37 16.22 7.04
H372 WP9 A 41 6.72 16.72 8.75
H381 WP9 A 41 4.68 17.82 7.93
H382 WP9 A 41 4.29 16.64 9.24
H41 WP9 A 41 3.42 14.54 8.65
H422 WP9 A 41 2.00 14.57 6.05
H421 WP9 A 41 2.73 13.09 6.77
H431 WP9 A 41 0.68 14.77 8.22
H432 WP9 A 41 0.21 13.44 7.09
N LEU A 42 10.91 7.66 8.12
CA LEU A 42 11.37 8.04 6.81
C LEU A 42 11.05 6.92 5.81
N HIS A 43 10.96 5.69 6.31
CA HIS A 43 10.54 4.56 5.48
C HIS A 43 9.10 4.76 5.02
N PHE A 44 8.27 5.35 5.88
CA PHE A 44 6.89 5.63 5.55
C PHE A 44 6.81 6.59 4.37
N VAL A 45 7.72 7.55 4.36
CA VAL A 45 7.77 8.57 3.31
C VAL A 45 8.05 7.92 1.96
N GLN A 46 9.11 7.12 1.92
CA GLN A 46 9.48 6.42 0.69
C GLN A 46 8.40 5.43 0.28
N LEU A 47 7.83 4.74 1.26
CA LEU A 47 6.74 3.80 1.02
C LEU A 47 5.58 4.48 0.32
N ALA A 48 5.10 5.55 0.91
CA ALA A 48 3.93 6.26 0.43
C ALA A 48 4.05 6.65 -1.03
N SER A 49 5.10 7.38 -1.36
CA SER A 49 5.26 7.89 -2.72
C SER A 49 5.62 6.77 -3.69
N ARG A 50 6.17 5.67 -3.17
CA ARG A 50 6.45 4.51 -3.99
C ARG A 50 5.15 3.76 -4.28
N LEU A 51 4.26 3.74 -3.30
CA LEU A 51 2.94 3.14 -3.47
C LEU A 51 2.18 3.90 -4.53
N GLN A 52 2.38 5.22 -4.59
CA GLN A 52 1.75 6.07 -5.58
C GLN A 52 1.98 5.52 -7.00
N LYS A 53 3.12 4.85 -7.18
CA LYS A 53 3.45 4.26 -8.48
C LYS A 53 2.59 3.03 -8.76
N ILE A 54 2.68 2.04 -7.88
CA ILE A 54 2.00 0.76 -8.06
C ILE A 54 0.50 0.84 -7.82
N PHE A 55 0.08 1.85 -7.07
CA PHE A 55 -1.34 2.08 -6.79
C PHE A 55 -1.99 2.83 -7.95
N GLY A 56 -1.22 3.72 -8.56
CA GLY A 56 -1.75 4.58 -9.59
C GLY A 56 -2.61 5.69 -9.01
N VAL A 57 -2.52 5.85 -7.70
CA VAL A 57 -3.30 6.83 -6.97
C VAL A 57 -2.38 7.65 -6.07
N GLU A 58 -2.77 8.88 -5.77
CA GLU A 58 -1.96 9.76 -4.93
C GLU A 58 -1.81 9.20 -3.52
N VAL A 59 -0.59 8.81 -3.17
CA VAL A 59 -0.31 8.31 -1.84
C VAL A 59 0.80 9.14 -1.19
N SER A 60 0.47 9.76 -0.07
CA SER A 60 1.42 10.56 0.68
C SER A 60 1.74 9.89 2.01
N THR A 61 2.69 10.41 2.76
CA THR A 61 3.07 9.80 4.03
C THR A 61 1.86 9.70 4.96
N GLU A 62 0.98 10.70 4.88
CA GLU A 62 -0.23 10.72 5.68
C GLU A 62 -1.07 9.48 5.41
N ASP A 63 -1.13 9.05 4.16
CA ASP A 63 -1.97 7.92 3.76
C ASP A 63 -1.55 6.64 4.47
N VAL A 64 -0.25 6.34 4.45
CA VAL A 64 0.24 5.12 5.09
C VAL A 64 0.21 5.25 6.60
N PHE A 65 0.33 6.49 7.08
CA PHE A 65 0.27 6.76 8.51
C PHE A 65 -1.18 6.63 9.02
N ARG A 66 -2.12 7.03 8.18
CA ARG A 66 -3.54 6.96 8.50
C ARG A 66 -4.02 5.52 8.65
N HIS A 67 -3.75 4.70 7.64
CA HIS A 67 -4.31 3.35 7.61
C HIS A 67 -3.47 2.39 8.45
N GLY A 68 -2.21 2.71 8.66
CA GLY A 68 -1.36 1.93 9.53
C GLY A 68 -0.92 0.59 8.94
N THR A 69 -1.77 -0.02 8.12
CA THR A 69 -1.48 -1.34 7.58
C THR A 69 -1.49 -1.34 6.06
N VAL A 70 -0.73 -2.26 5.49
CA VAL A 70 -0.77 -2.51 4.05
C VAL A 70 -2.19 -2.93 3.63
N GLU A 71 -2.86 -3.67 4.50
CA GLU A 71 -4.21 -4.15 4.23
C GLU A 71 -5.18 -2.99 4.02
N GLN A 72 -5.21 -2.06 4.97
CA GLN A 72 -6.13 -0.92 4.87
C GLN A 72 -5.72 0.02 3.74
N LEU A 73 -4.44 0.01 3.40
CA LEU A 73 -3.96 0.75 2.24
C LEU A 73 -4.53 0.13 0.96
N ALA A 74 -4.52 -1.18 0.91
CA ALA A 74 -5.08 -1.90 -0.23
C ALA A 74 -6.60 -1.72 -0.26
N ARG A 75 -7.18 -1.69 0.92
CA ARG A 75 -8.63 -1.56 1.06
C ARG A 75 -9.14 -0.27 0.42
N PHE A 76 -8.43 0.84 0.60
CA PHE A 76 -8.90 2.10 0.03
C PHE A 76 -8.47 2.26 -1.42
N VAL A 77 -7.27 1.78 -1.77
CA VAL A 77 -6.74 1.99 -3.11
C VAL A 77 -7.55 1.22 -4.15
N GLU A 78 -7.93 -0.02 -3.83
CA GLU A 78 -8.65 -0.86 -4.76
C GLU A 78 -9.95 -0.18 -5.20
N GLN A 79 -10.54 0.58 -4.28
CA GLN A 79 -11.74 1.36 -4.58
C GLN A 79 -11.44 2.45 -5.60
N SER A 80 -10.37 3.19 -5.34
CA SER A 80 -10.01 4.36 -6.14
C SER A 80 -9.48 3.96 -7.52
N ARG A 81 -8.71 2.89 -7.59
CA ARG A 81 -8.07 2.49 -8.85
C ARG A 81 -9.01 1.67 -9.73
N ASP A 82 -9.92 0.92 -9.11
CA ASP A 82 -10.84 0.08 -9.85
C ASP A 82 -11.82 0.93 -10.64
N THR A 83 -12.13 2.10 -10.11
CA THR A 83 -13.00 3.04 -10.79
C THR A 83 -12.23 3.80 -11.87
N GLY A 84 -10.92 3.62 -11.88
CA GLY A 84 -10.08 4.15 -12.94
C GLY A 84 -9.73 5.61 -12.75
N ARG A 85 -10.73 6.47 -12.83
CA ARG A 85 -10.51 7.91 -12.81
C ARG A 85 -10.31 8.41 -11.39
N ASN A 86 -9.17 9.02 -11.14
CA ASN A 86 -8.89 9.63 -9.85
C ASN A 86 -9.29 11.10 -9.88
N PRO A 87 -9.86 11.60 -8.78
CA PRO A 87 -10.24 13.01 -8.67
C PRO A 87 -9.04 13.94 -8.78
N ALA A 88 -9.21 14.99 -9.57
CA ALA A 88 -8.16 15.96 -9.82
C ALA A 88 -6.95 15.30 -10.49
N ALA A 89 -7.22 14.41 -11.43
CA ALA A 89 -6.18 13.73 -12.16
C ALA A 89 -6.64 13.38 -13.58
N GLN A 90 -6.12 14.10 -14.55
CA GLN A 90 -6.44 13.82 -15.95
C GLN A 90 -5.41 12.85 -16.53
N THR A 91 -5.51 11.60 -16.12
CA THR A 91 -4.63 10.56 -16.60
C THR A 91 -5.36 9.23 -16.65
N GLN A 92 -5.42 8.64 -17.84
CA GLN A 92 -6.14 7.40 -18.03
C GLN A 92 -5.24 6.38 -18.72
N GLY A 1 -6.99 -13.95 2.72
CA GLY A 1 -5.69 -14.30 2.10
C GLY A 1 -5.47 -13.56 0.80
N PRO A 2 -4.66 -12.50 0.81
CA PRO A 2 -4.42 -11.68 -0.38
C PRO A 2 -3.43 -12.33 -1.34
N MET A 3 -3.78 -12.36 -2.61
CA MET A 3 -2.93 -12.98 -3.62
C MET A 3 -3.40 -12.58 -5.01
N ALA A 4 -2.53 -12.76 -5.99
CA ALA A 4 -2.88 -12.51 -7.38
C ALA A 4 -3.71 -13.66 -7.94
N THR A 5 -4.33 -13.45 -9.10
CA THR A 5 -5.20 -14.46 -9.70
C THR A 5 -6.40 -14.71 -8.79
N ALA A 6 -6.85 -13.65 -8.14
CA ALA A 6 -7.98 -13.72 -7.23
C ALA A 6 -8.64 -12.35 -7.11
N VAL A 7 -9.84 -12.31 -6.58
CA VAL A 7 -10.55 -11.05 -6.39
C VAL A 7 -10.63 -10.72 -4.90
N GLN A 8 -9.69 -11.31 -4.17
CA GLN A 8 -9.65 -11.14 -2.73
C GLN A 8 -8.43 -10.30 -2.32
N ASN A 9 -8.42 -9.07 -2.84
CA ASN A 9 -7.34 -8.12 -2.56
C ASN A 9 -6.00 -8.59 -3.12
N PRO A 10 -5.84 -8.56 -4.44
CA PRO A 10 -4.57 -8.92 -5.09
C PRO A 10 -3.51 -7.85 -4.88
N LEU A 11 -3.96 -6.61 -4.76
CA LEU A 11 -3.07 -5.49 -4.54
C LEU A 11 -2.45 -5.53 -3.15
N GLU A 12 -3.21 -6.03 -2.20
CA GLU A 12 -2.80 -6.06 -0.80
C GLU A 12 -1.44 -6.75 -0.65
N THR A 13 -1.12 -7.61 -1.62
CA THR A 13 0.11 -8.38 -1.59
C THR A 13 1.31 -7.62 -2.17
N VAL A 14 1.07 -6.61 -3.00
CA VAL A 14 2.16 -5.85 -3.56
C VAL A 14 2.58 -4.71 -2.62
N VAL A 15 1.64 -4.30 -1.77
CA VAL A 15 1.85 -3.16 -0.88
C VAL A 15 2.94 -3.48 0.15
N LEU A 16 2.75 -4.56 0.89
CA LEU A 16 3.70 -4.93 1.94
C LEU A 16 5.02 -5.39 1.34
N GLN A 17 4.96 -5.89 0.12
CA GLN A 17 6.16 -6.35 -0.57
C GLN A 17 7.13 -5.19 -0.75
N ALA A 18 6.58 -4.01 -1.04
CA ALA A 18 7.37 -2.80 -1.13
C ALA A 18 8.05 -2.51 0.21
N TRP A 19 7.29 -2.63 1.29
CA TRP A 19 7.82 -2.37 2.64
C TRP A 19 8.94 -3.35 2.97
N LYS A 20 8.81 -4.58 2.46
CA LYS A 20 9.83 -5.60 2.64
C LYS A 20 11.11 -5.23 1.89
N ASP A 21 10.94 -4.44 0.84
CA ASP A 21 12.07 -3.96 0.05
C ASP A 21 12.65 -2.70 0.69
N ILE A 22 11.78 -1.90 1.30
CA ILE A 22 12.19 -0.65 1.92
C ILE A 22 12.93 -0.90 3.24
N SER A 23 12.24 -1.49 4.20
CA SER A 23 12.80 -1.71 5.52
C SER A 23 13.54 -3.05 5.61
N GLY A 24 13.14 -3.99 4.77
CA GLY A 24 13.72 -5.32 4.82
C GLY A 24 12.93 -6.25 5.72
N ALA A 25 11.76 -5.79 6.16
CA ALA A 25 10.92 -6.56 7.06
C ALA A 25 10.20 -7.68 6.33
N ASP A 26 10.87 -8.81 6.19
CA ASP A 26 10.33 -9.95 5.45
C ASP A 26 9.23 -10.66 6.26
N ASP A 27 9.24 -10.44 7.57
CA ASP A 27 8.28 -11.09 8.45
C ASP A 27 7.05 -10.22 8.66
N PHE A 28 6.88 -9.24 7.77
CA PHE A 28 5.75 -8.32 7.84
C PHE A 28 4.57 -8.86 7.02
N THR A 29 3.40 -8.89 7.64
CA THR A 29 2.20 -9.39 6.97
C THR A 29 1.31 -8.24 6.50
N THR A 30 0.22 -8.54 5.82
CA THR A 30 -0.64 -7.50 5.30
C THR A 30 -1.53 -6.92 6.39
N THR A 31 -1.89 -7.76 7.35
CA THR A 31 -2.78 -7.38 8.42
C THR A 31 -2.01 -6.74 9.59
N ASP A 32 -0.69 -6.68 9.45
CA ASP A 32 0.15 -6.09 10.48
C ASP A 32 0.43 -4.63 10.15
N SER A 33 0.81 -3.85 11.15
CA SER A 33 1.07 -2.43 10.97
C SER A 33 2.57 -2.18 10.82
N PHE A 34 2.94 -1.20 10.00
CA PHE A 34 4.34 -0.87 9.77
C PHE A 34 5.02 -0.44 11.07
N LEU A 35 4.36 0.48 11.76
CA LEU A 35 4.94 1.20 12.87
C LEU A 35 5.29 0.28 14.03
N GLY A 36 4.33 -0.56 14.43
CA GLY A 36 4.58 -1.52 15.49
C GLY A 36 5.57 -2.59 15.07
N HIS A 37 5.85 -2.65 13.78
CA HIS A 37 6.79 -3.64 13.24
C HIS A 37 8.18 -3.00 13.11
N GLY A 38 8.41 -1.95 13.90
CA GLY A 38 9.69 -1.27 13.86
C GLY A 38 9.82 -0.38 12.64
N GLY A 39 8.81 0.43 12.41
CA GLY A 39 8.82 1.32 11.26
C GLY A 39 9.48 2.65 11.58
N ASN A 40 10.39 3.07 10.72
CA ASN A 40 11.06 4.36 10.90
C ASN A 40 10.43 5.40 9.99
N WP9 A 41 10.36 6.62 10.49
CA WP9 A 41 9.51 7.66 9.92
C WP9 A 41 9.74 7.88 8.42
O WP9 A 41 8.78 8.00 7.65
CB WP9 A 41 9.70 8.96 10.69
OG WP9 A 41 10.68 9.80 10.07
P24 WP9 A 41 10.70 11.37 10.41
C11 WP9 A 41 1.71 12.42 9.22
O11 WP9 A 41 1.43 11.36 8.66
C12 WP9 A 41 1.47 12.59 10.57
C13 WP9 A 41 0.15 12.69 11.05
N13 WP9 A 41 -0.83 12.63 10.14
C14 WP9 A 41 2.52 12.65 11.48
C15 WP9 A 41 -0.11 12.84 12.40
C16 WP9 A 41 2.26 12.80 12.84
C17 WP9 A 41 0.95 12.89 13.30
O23 WP9 A 41 11.01 11.50 11.97
O26 WP9 A 41 11.66 12.14 9.59
O27 WP9 A 41 9.17 11.84 10.20
C28 WP9 A 41 8.67 12.11 8.89
C29 WP9 A 41 7.13 12.00 8.86
C30 WP9 A 41 6.62 12.31 7.46
C31 WP9 A 41 6.73 10.55 9.17
C32 WP9 A 41 6.48 12.96 9.88
O33 WP9 A 41 6.96 12.70 11.21
C34 WP9 A 41 6.80 14.41 9.51
O35 WP9 A 41 7.84 14.96 9.87
N36 WP9 A 41 5.86 15.03 8.77
C37 WP9 A 41 5.98 16.41 8.32
C38 WP9 A 41 5.89 16.46 6.80
C39 WP9 A 41 4.49 16.01 6.35
O40 WP9 A 41 3.59 16.83 6.21
N41 WP9 A 41 4.37 14.69 6.14
C42 WP9 A 41 3.10 14.09 5.71
C43 WP9 A 41 2.62 13.09 6.74
S44 WP9 A 41 2.45 13.78 8.42
H1 WP9 A 41 10.90 6.84 11.28
HA WP9 A 41 8.48 7.33 10.06
HB1 WP9 A 41 10.02 8.74 11.69
HB2 WP9 A 41 8.76 9.49 10.73
H131 WP9 A 41 -1.51 11.91 10.19
H132 WP9 A 41 -0.87 13.32 9.40
H14 WP9 A 41 3.55 12.57 11.12
H15 WP9 A 41 -1.13 12.91 12.76
H16 WP9 A 41 3.10 12.85 13.54
H17 WP9 A 41 0.76 13.01 14.37
H281 WP9 A 41 8.95 13.14 8.61
H282 WP9 A 41 9.09 11.39 8.19
H302 WP9 A 41 7.06 11.59 6.75
H303 WP9 A 41 6.92 13.31 7.18
H301 WP9 A 41 5.53 12.22 7.44
H312 WP9 A 41 5.65 10.46 9.14
H313 WP9 A 41 7.08 10.28 10.17
H311 WP9 A 41 7.18 9.89 8.43
H32 WP9 A 41 5.39 12.83 9.85
H33 WP9 A 41 6.53 13.33 11.85
H36 WP9 A 41 5.01 14.56 8.49
H371 WP9 A 41 6.96 16.80 8.63
H372 WP9 A 41 5.16 17.01 8.75
H381 WP9 A 41 6.64 15.79 6.37
H382 WP9 A 41 6.05 17.49 6.47
H41 WP9 A 41 5.12 14.05 6.25
H422 WP9 A 41 2.35 14.88 5.61
H421 WP9 A 41 3.26 13.58 4.75
H431 WP9 A 41 1.64 12.72 6.41
H432 WP9 A 41 3.35 12.27 6.78
N LEU A 42 11.00 7.94 7.99
CA LEU A 42 11.31 8.28 6.61
C LEU A 42 10.93 7.14 5.67
N HIS A 43 10.91 5.92 6.19
CA HIS A 43 10.53 4.76 5.39
C HIS A 43 9.07 4.86 4.96
N PHE A 44 8.25 5.48 5.79
CA PHE A 44 6.84 5.70 5.46
C PHE A 44 6.70 6.67 4.30
N VAL A 45 7.56 7.68 4.31
CA VAL A 45 7.56 8.70 3.27
C VAL A 45 7.91 8.07 1.93
N GLN A 46 8.93 7.23 1.93
CA GLN A 46 9.38 6.55 0.72
C GLN A 46 8.34 5.51 0.28
N LEU A 47 7.79 4.80 1.26
CA LEU A 47 6.76 3.80 1.00
C LEU A 47 5.58 4.41 0.27
N ALA A 48 4.99 5.42 0.89
CA ALA A 48 3.78 6.05 0.39
C ALA A 48 3.95 6.52 -1.05
N SER A 49 5.03 7.24 -1.30
CA SER A 49 5.28 7.81 -2.61
C SER A 49 5.63 6.73 -3.62
N ARG A 50 6.14 5.60 -3.14
CA ARG A 50 6.44 4.47 -3.99
C ARG A 50 5.15 3.74 -4.34
N LEU A 51 4.30 3.55 -3.33
CA LEU A 51 3.01 2.90 -3.52
C LEU A 51 2.18 3.66 -4.54
N GLN A 52 2.29 4.98 -4.49
CA GLN A 52 1.57 5.86 -5.41
C GLN A 52 1.77 5.42 -6.87
N LYS A 53 2.95 4.92 -7.19
CA LYS A 53 3.27 4.49 -8.54
C LYS A 53 2.53 3.21 -8.91
N ILE A 54 2.67 2.19 -8.06
CA ILE A 54 2.07 0.88 -8.33
C ILE A 54 0.55 0.91 -8.12
N PHE A 55 0.06 1.93 -7.43
CA PHE A 55 -1.37 2.08 -7.22
C PHE A 55 -1.99 2.93 -8.32
N GLY A 56 -1.23 3.89 -8.81
CA GLY A 56 -1.75 4.86 -9.75
C GLY A 56 -2.66 5.85 -9.06
N VAL A 57 -2.60 5.84 -7.74
CA VAL A 57 -3.43 6.69 -6.90
C VAL A 57 -2.53 7.57 -6.05
N GLU A 58 -2.97 8.79 -5.78
CA GLU A 58 -2.19 9.72 -4.99
C GLU A 58 -2.00 9.20 -3.56
N VAL A 59 -0.77 8.88 -3.20
CA VAL A 59 -0.48 8.36 -1.88
C VAL A 59 0.65 9.16 -1.23
N SER A 60 0.35 9.74 -0.08
CA SER A 60 1.33 10.48 0.67
C SER A 60 1.59 9.78 2.00
N THR A 61 2.61 10.22 2.72
CA THR A 61 2.99 9.57 3.97
C THR A 61 1.80 9.48 4.92
N GLU A 62 0.97 10.52 4.89
CA GLU A 62 -0.20 10.60 5.76
C GLU A 62 -1.11 9.38 5.58
N ASP A 63 -1.21 8.89 4.35
CA ASP A 63 -2.08 7.76 4.05
C ASP A 63 -1.59 6.50 4.76
N VAL A 64 -0.34 6.14 4.54
CA VAL A 64 0.22 4.93 5.12
C VAL A 64 0.33 5.06 6.64
N PHE A 65 0.51 6.29 7.10
CA PHE A 65 0.64 6.59 8.52
C PHE A 65 -0.72 6.48 9.20
N ARG A 66 -1.75 6.97 8.53
CA ARG A 66 -3.09 7.00 9.09
C ARG A 66 -3.73 5.61 9.11
N HIS A 67 -3.54 4.85 8.04
CA HIS A 67 -4.19 3.53 7.95
C HIS A 67 -3.42 2.47 8.72
N GLY A 68 -2.13 2.72 8.92
CA GLY A 68 -1.30 1.82 9.73
C GLY A 68 -0.95 0.52 9.02
N THR A 69 -1.89 -0.04 8.28
CA THR A 69 -1.71 -1.34 7.66
C THR A 69 -1.88 -1.26 6.15
N VAL A 70 -1.31 -2.24 5.46
CA VAL A 70 -1.43 -2.31 4.01
C VAL A 70 -2.81 -2.82 3.61
N GLU A 71 -3.45 -3.49 4.55
CA GLU A 71 -4.79 -4.02 4.35
C GLU A 71 -5.78 -2.87 4.17
N GLN A 72 -5.75 -1.91 5.10
CA GLN A 72 -6.61 -0.74 5.01
C GLN A 72 -6.20 0.15 3.83
N LEU A 73 -4.93 0.09 3.45
CA LEU A 73 -4.44 0.81 2.29
C LEU A 73 -5.04 0.24 1.03
N ALA A 74 -4.84 -1.06 0.82
CA ALA A 74 -5.33 -1.73 -0.37
C ALA A 74 -6.84 -1.58 -0.50
N ARG A 75 -7.51 -1.51 0.63
CA ARG A 75 -8.96 -1.34 0.67
C ARG A 75 -9.38 -0.07 -0.07
N PHE A 76 -8.75 1.06 0.23
CA PHE A 76 -9.16 2.32 -0.37
C PHE A 76 -8.56 2.47 -1.76
N VAL A 77 -7.43 1.82 -2.01
CA VAL A 77 -6.74 1.95 -3.29
C VAL A 77 -7.50 1.24 -4.40
N GLU A 78 -7.76 -0.05 -4.23
CA GLU A 78 -8.35 -0.85 -5.31
C GLU A 78 -9.69 -0.29 -5.76
N GLN A 79 -10.44 0.29 -4.83
CA GLN A 79 -11.73 0.88 -5.16
C GLN A 79 -11.56 2.16 -5.97
N SER A 80 -10.63 3.01 -5.55
CA SER A 80 -10.34 4.25 -6.26
C SER A 80 -9.64 3.95 -7.59
N ARG A 81 -8.96 2.81 -7.63
CA ARG A 81 -8.29 2.34 -8.84
C ARG A 81 -9.32 1.78 -9.82
N ASP A 82 -10.36 1.16 -9.28
CA ASP A 82 -11.43 0.57 -10.09
C ASP A 82 -12.19 1.64 -10.84
N THR A 83 -12.45 2.76 -10.18
CA THR A 83 -13.11 3.88 -10.82
C THR A 83 -12.12 4.71 -11.64
N GLY A 84 -10.89 4.80 -11.13
CA GLY A 84 -9.84 5.49 -11.85
C GLY A 84 -9.93 6.98 -11.69
N ARG A 85 -9.40 7.71 -12.67
CA ARG A 85 -9.46 9.16 -12.68
C ARG A 85 -10.16 9.63 -13.95
N ASN A 86 -9.65 9.15 -15.09
CA ASN A 86 -10.17 9.52 -16.41
C ASN A 86 -10.21 11.03 -16.59
N PRO A 87 -9.06 11.63 -16.95
CA PRO A 87 -8.98 13.05 -17.27
C PRO A 87 -9.94 13.45 -18.37
N ALA A 88 -10.82 14.40 -18.08
CA ALA A 88 -11.85 14.84 -19.02
C ALA A 88 -12.70 13.65 -19.48
N ALA A 89 -13.37 13.01 -18.53
CA ALA A 89 -14.21 11.87 -18.83
C ALA A 89 -15.53 12.31 -19.45
N GLN A 90 -15.43 12.92 -20.62
CA GLN A 90 -16.59 13.43 -21.33
C GLN A 90 -16.56 12.94 -22.77
N THR A 91 -16.39 11.64 -22.93
CA THR A 91 -16.31 11.05 -24.25
C THR A 91 -17.66 10.49 -24.67
N GLN A 92 -18.17 10.97 -25.80
CA GLN A 92 -19.46 10.54 -26.29
C GLN A 92 -19.30 9.38 -27.28
N GLY A 1 2.93 -17.39 2.18
CA GLY A 1 3.43 -15.99 2.24
C GLY A 1 2.41 -15.02 1.67
N PRO A 2 2.67 -13.71 1.76
CA PRO A 2 1.77 -12.68 1.20
C PRO A 2 1.60 -12.83 -0.30
N MET A 3 2.65 -13.28 -0.96
CA MET A 3 2.60 -13.56 -2.38
C MET A 3 2.49 -15.06 -2.61
N ALA A 4 1.52 -15.46 -3.42
CA ALA A 4 1.23 -16.86 -3.69
C ALA A 4 0.65 -17.56 -2.46
N THR A 5 -0.24 -18.53 -2.70
CA THR A 5 -0.90 -19.30 -1.64
C THR A 5 -1.98 -18.47 -0.93
N ALA A 6 -1.62 -17.27 -0.48
CA ALA A 6 -2.57 -16.40 0.20
C ALA A 6 -3.10 -15.33 -0.76
N VAL A 7 -3.43 -15.76 -1.96
CA VAL A 7 -3.92 -14.86 -2.99
C VAL A 7 -5.42 -14.65 -2.82
N GLN A 8 -5.78 -13.64 -2.05
CA GLN A 8 -7.20 -13.30 -1.83
C GLN A 8 -7.49 -11.88 -2.26
N ASN A 9 -6.68 -10.94 -1.81
CA ASN A 9 -6.82 -9.55 -2.20
C ASN A 9 -5.69 -9.16 -3.14
N PRO A 10 -6.00 -8.97 -4.44
CA PRO A 10 -5.00 -8.80 -5.50
C PRO A 10 -3.89 -7.81 -5.16
N LEU A 11 -4.24 -6.59 -4.81
CA LEU A 11 -3.25 -5.55 -4.57
C LEU A 11 -2.60 -5.67 -3.19
N GLU A 12 -3.31 -6.29 -2.26
CA GLU A 12 -2.85 -6.38 -0.86
C GLU A 12 -1.43 -6.92 -0.77
N THR A 13 -1.05 -7.71 -1.76
CA THR A 13 0.25 -8.38 -1.75
C THR A 13 1.39 -7.48 -2.17
N VAL A 14 1.10 -6.50 -3.01
CA VAL A 14 2.15 -5.68 -3.59
C VAL A 14 2.56 -4.53 -2.66
N VAL A 15 1.66 -4.14 -1.78
CA VAL A 15 1.90 -3.00 -0.89
C VAL A 15 3.05 -3.29 0.07
N LEU A 16 2.93 -4.37 0.83
CA LEU A 16 3.95 -4.75 1.79
C LEU A 16 5.19 -5.29 1.09
N GLN A 17 5.01 -5.76 -0.14
CA GLN A 17 6.14 -6.21 -0.96
C GLN A 17 7.14 -5.07 -1.06
N ALA A 18 6.63 -3.88 -1.33
CA ALA A 18 7.45 -2.68 -1.38
C ALA A 18 8.12 -2.44 -0.04
N TRP A 19 7.36 -2.58 1.04
CA TRP A 19 7.87 -2.34 2.39
C TRP A 19 8.98 -3.32 2.75
N LYS A 20 8.87 -4.55 2.25
CA LYS A 20 9.89 -5.56 2.47
C LYS A 20 11.17 -5.21 1.71
N ASP A 21 11.02 -4.41 0.67
CA ASP A 21 12.16 -3.94 -0.10
C ASP A 21 12.74 -2.67 0.54
N ILE A 22 11.87 -1.85 1.11
CA ILE A 22 12.29 -0.60 1.73
C ILE A 22 12.96 -0.85 3.07
N SER A 23 12.20 -1.35 4.04
CA SER A 23 12.69 -1.56 5.39
C SER A 23 13.27 -2.96 5.57
N GLY A 24 12.80 -3.90 4.75
CA GLY A 24 13.25 -5.27 4.86
C GLY A 24 12.50 -6.05 5.91
N ALA A 25 11.25 -5.68 6.14
CA ALA A 25 10.44 -6.31 7.18
C ALA A 25 9.81 -7.62 6.68
N ASP A 26 10.50 -8.72 6.91
CA ASP A 26 10.00 -10.04 6.56
C ASP A 26 8.93 -10.48 7.54
N ASP A 27 9.03 -9.96 8.76
CA ASP A 27 8.11 -10.29 9.84
C ASP A 27 6.76 -9.60 9.64
N PHE A 28 6.73 -8.67 8.70
CA PHE A 28 5.54 -7.89 8.42
C PHE A 28 4.64 -8.60 7.40
N THR A 29 3.43 -8.96 7.82
CA THR A 29 2.46 -9.56 6.90
C THR A 29 1.43 -8.53 6.45
N THR A 30 0.43 -8.95 5.70
CA THR A 30 -0.54 -8.00 5.16
C THR A 30 -1.48 -7.48 6.25
N THR A 31 -1.66 -8.28 7.29
CA THR A 31 -2.56 -7.91 8.38
C THR A 31 -1.83 -7.14 9.48
N ASP A 32 -0.54 -6.90 9.26
CA ASP A 32 0.29 -6.20 10.23
C ASP A 32 0.30 -4.70 9.94
N SER A 33 0.64 -3.92 10.96
CA SER A 33 0.78 -2.48 10.81
C SER A 33 2.24 -2.07 10.93
N PHE A 34 2.71 -1.23 10.02
CA PHE A 34 4.14 -0.88 9.94
C PHE A 34 4.70 -0.52 11.31
N LEU A 35 3.98 0.38 11.97
CA LEU A 35 4.46 1.04 13.17
C LEU A 35 4.70 0.07 14.33
N GLY A 36 4.09 -1.10 14.26
CA GLY A 36 4.25 -2.08 15.32
C GLY A 36 5.48 -2.95 15.13
N HIS A 37 6.14 -2.81 13.99
CA HIS A 37 7.33 -3.60 13.68
C HIS A 37 8.54 -2.69 13.56
N GLY A 38 8.46 -1.54 14.21
CA GLY A 38 9.51 -0.55 14.08
C GLY A 38 9.37 0.20 12.78
N GLY A 39 8.15 0.63 12.50
CA GLY A 39 7.88 1.32 11.26
C GLY A 39 8.58 2.66 11.20
N ASN A 40 9.44 2.82 10.20
CA ASN A 40 10.25 4.02 10.06
C ASN A 40 9.48 5.13 9.34
N WP9 A 41 9.43 6.27 10.01
CA WP9 A 41 8.63 7.41 9.57
C WP9 A 41 9.13 7.95 8.23
O WP9 A 41 8.33 8.34 7.38
CB WP9 A 41 8.69 8.49 10.64
OG WP9 A 41 9.87 9.27 10.54
P24 WP9 A 41 10.02 10.63 11.38
C11 WP9 A 41 2.83 13.85 4.28
O11 WP9 A 41 2.28 12.95 3.64
C12 WP9 A 41 4.18 14.14 4.09
C13 WP9 A 41 4.57 14.90 2.99
N13 WP9 A 41 3.61 15.36 2.19
C14 WP9 A 41 5.15 13.64 4.96
C15 WP9 A 41 5.91 15.19 2.75
C16 WP9 A 41 6.50 13.92 4.72
C17 WP9 A 41 6.88 14.69 3.62
O23 WP9 A 41 9.78 10.25 12.91
O26 WP9 A 41 11.32 11.31 11.19
O27 WP9 A 41 8.75 11.50 10.92
C28 WP9 A 41 8.79 12.20 9.67
C29 WP9 A 41 7.38 12.25 9.03
C30 WP9 A 41 7.49 12.86 7.64
C31 WP9 A 41 6.83 10.84 8.86
C32 WP9 A 41 6.40 13.08 9.90
O33 WP9 A 41 6.45 12.65 11.26
C34 WP9 A 41 6.70 14.58 9.84
O35 WP9 A 41 7.49 15.10 10.61
N36 WP9 A 41 6.02 15.24 8.89
C37 WP9 A 41 6.17 16.69 8.67
C38 WP9 A 41 4.83 17.38 8.89
C39 WP9 A 41 3.73 16.64 8.12
O40 WP9 A 41 3.43 16.98 6.98
N41 WP9 A 41 3.14 15.64 8.82
C42 WP9 A 41 2.06 14.80 8.27
C43 WP9 A 41 2.53 14.05 7.03
S44 WP9 A 41 2.00 14.83 5.47
H1 WP9 A 41 9.93 6.35 10.85
HA WP9 A 41 7.61 7.09 9.44
HB1 WP9 A 41 8.65 8.03 11.61
HB2 WP9 A 41 7.84 9.15 10.53
H131 WP9 A 41 2.65 15.14 2.38
H132 WP9 A 41 3.85 15.91 1.39
H14 WP9 A 41 4.86 13.01 5.81
H15 WP9 A 41 6.21 15.78 1.89
H16 WP9 A 41 7.27 13.53 5.40
H17 WP9 A 41 7.93 14.91 3.45
H281 WP9 A 41 9.14 13.23 9.84
H282 WP9 A 41 9.46 11.67 8.99
H302 WP9 A 41 7.89 13.88 7.71
H303 WP9 A 41 6.50 12.90 7.18
H301 WP9 A 41 8.15 12.25 7.03
H312 WP9 A 41 5.91 10.87 8.27
H313 WP9 A 41 6.61 10.42 9.84
H311 WP9 A 41 7.58 10.22 8.36
H32 WP9 A 41 5.39 12.92 9.52
H33 WP9 A 41 7.38 12.79 11.62
H36 WP9 A 41 5.37 14.79 8.28
H371 WP9 A 41 6.48 16.86 7.63
H372 WP9 A 41 6.90 17.08 9.37
H381 WP9 A 41 4.89 18.41 8.53
H382 WP9 A 41 4.59 17.34 9.96
H41 WP9 A 41 3.42 15.40 9.75
H422 WP9 A 41 1.75 14.07 9.02
H421 WP9 A 41 1.22 15.45 7.98
H431 WP9 A 41 3.63 14.03 7.04
H432 WP9 A 41 2.12 13.04 7.07
N LEU A 42 10.45 7.98 8.05
CA LEU A 42 11.02 8.48 6.81
C LEU A 42 10.76 7.49 5.69
N HIS A 43 10.72 6.22 6.03
CA HIS A 43 10.43 5.16 5.06
C HIS A 43 8.98 5.24 4.62
N PHE A 44 8.10 5.75 5.48
CA PHE A 44 6.70 5.97 5.09
C PHE A 44 6.64 7.00 3.98
N VAL A 45 7.49 8.02 4.09
CA VAL A 45 7.58 9.07 3.10
C VAL A 45 7.99 8.51 1.75
N GLN A 46 8.91 7.55 1.79
CA GLN A 46 9.40 6.91 0.58
C GLN A 46 8.36 5.92 0.06
N LEU A 47 7.81 5.14 0.99
CA LEU A 47 6.81 4.12 0.70
C LEU A 47 5.63 4.68 -0.09
N ALA A 48 4.98 5.69 0.47
CA ALA A 48 3.77 6.27 -0.09
C ALA A 48 3.96 6.67 -1.55
N SER A 49 5.04 7.37 -1.82
CA SER A 49 5.31 7.88 -3.16
C SER A 49 5.79 6.76 -4.08
N ARG A 50 6.46 5.77 -3.52
CA ARG A 50 6.86 4.58 -4.27
C ARG A 50 5.61 3.79 -4.68
N LEU A 51 4.65 3.75 -3.78
CA LEU A 51 3.40 3.03 -4.02
C LEU A 51 2.63 3.63 -5.20
N GLN A 52 2.84 4.93 -5.44
CA GLN A 52 2.15 5.62 -6.54
C GLN A 52 2.37 4.92 -7.87
N LYS A 53 3.55 4.33 -8.05
CA LYS A 53 3.92 3.69 -9.30
C LYS A 53 3.16 2.38 -9.49
N ILE A 54 3.00 1.63 -8.41
CA ILE A 54 2.33 0.34 -8.48
C ILE A 54 0.82 0.47 -8.28
N PHE A 55 0.38 1.60 -7.74
CA PHE A 55 -1.03 1.81 -7.49
C PHE A 55 -1.71 2.58 -8.60
N GLY A 56 -0.97 3.50 -9.20
CA GLY A 56 -1.56 4.40 -10.17
C GLY A 56 -2.33 5.53 -9.49
N VAL A 57 -2.11 5.66 -8.18
CA VAL A 57 -2.81 6.63 -7.36
C VAL A 57 -1.80 7.40 -6.52
N GLU A 58 -2.06 8.68 -6.32
CA GLU A 58 -1.21 9.54 -5.50
C GLU A 58 -1.37 9.21 -4.02
N VAL A 59 -0.29 8.75 -3.40
CA VAL A 59 -0.32 8.41 -1.99
C VAL A 59 0.78 9.18 -1.26
N SER A 60 0.42 9.74 -0.12
CA SER A 60 1.39 10.47 0.69
C SER A 60 1.51 9.85 2.07
N THR A 61 2.57 10.21 2.80
CA THR A 61 2.90 9.61 4.09
C THR A 61 1.68 9.58 5.02
N GLU A 62 0.94 10.69 5.03
CA GLU A 62 -0.21 10.87 5.89
C GLU A 62 -1.11 9.64 5.88
N ASP A 63 -1.49 9.19 4.69
CA ASP A 63 -2.48 8.12 4.56
C ASP A 63 -1.92 6.79 5.05
N VAL A 64 -0.72 6.43 4.62
CA VAL A 64 -0.12 5.14 5.01
C VAL A 64 0.13 5.10 6.51
N PHE A 65 0.33 6.28 7.10
CA PHE A 65 0.53 6.41 8.52
C PHE A 65 -0.77 6.19 9.27
N ARG A 66 -1.88 6.55 8.63
CA ARG A 66 -3.20 6.49 9.26
C ARG A 66 -3.74 5.07 9.33
N HIS A 67 -3.75 4.37 8.20
CA HIS A 67 -4.38 3.05 8.15
C HIS A 67 -3.52 2.02 8.86
N GLY A 68 -2.23 2.28 8.96
CA GLY A 68 -1.32 1.40 9.66
C GLY A 68 -1.01 0.11 8.93
N THR A 69 -2.04 -0.54 8.41
CA THR A 69 -1.90 -1.86 7.81
C THR A 69 -2.05 -1.80 6.30
N VAL A 70 -1.31 -2.66 5.61
CA VAL A 70 -1.37 -2.73 4.16
C VAL A 70 -2.68 -3.33 3.69
N GLU A 71 -3.35 -4.06 4.58
CA GLU A 71 -4.66 -4.62 4.29
C GLU A 71 -5.66 -3.50 4.04
N GLN A 72 -5.73 -2.55 4.97
CA GLN A 72 -6.65 -1.43 4.85
C GLN A 72 -6.19 -0.48 3.73
N LEU A 73 -4.88 -0.37 3.56
CA LEU A 73 -4.32 0.45 2.50
C LEU A 73 -4.74 -0.07 1.13
N ALA A 74 -4.56 -1.36 0.92
CA ALA A 74 -4.90 -1.98 -0.35
C ALA A 74 -6.37 -1.78 -0.66
N ARG A 75 -7.21 -2.00 0.35
CA ARG A 75 -8.65 -1.77 0.22
C ARG A 75 -8.92 -0.35 -0.27
N PHE A 76 -8.24 0.61 0.35
CA PHE A 76 -8.36 2.02 0.00
C PHE A 76 -7.94 2.27 -1.45
N VAL A 77 -6.82 1.69 -1.85
CA VAL A 77 -6.29 1.90 -3.18
C VAL A 77 -7.15 1.22 -4.24
N GLU A 78 -7.50 -0.04 -4.02
CA GLU A 78 -8.26 -0.80 -4.98
C GLU A 78 -9.63 -0.16 -5.23
N GLN A 79 -10.13 0.53 -4.22
CA GLN A 79 -11.36 1.31 -4.38
C GLN A 79 -11.08 2.57 -5.19
N SER A 80 -10.06 3.32 -4.78
CA SER A 80 -9.75 4.61 -5.37
C SER A 80 -9.47 4.52 -6.86
N ARG A 81 -8.73 3.49 -7.28
CA ARG A 81 -8.40 3.32 -8.69
C ARG A 81 -9.61 2.89 -9.50
N ASP A 82 -10.62 2.39 -8.81
CA ASP A 82 -11.84 1.91 -9.46
C ASP A 82 -12.90 3.01 -9.51
N THR A 83 -12.98 3.79 -8.43
CA THR A 83 -13.96 4.86 -8.34
C THR A 83 -13.45 6.14 -8.98
N GLY A 84 -12.14 6.34 -8.96
CA GLY A 84 -11.55 7.55 -9.49
C GLY A 84 -10.71 7.27 -10.72
N ARG A 85 -11.14 7.81 -11.85
CA ARG A 85 -10.39 7.68 -13.09
C ARG A 85 -9.77 9.01 -13.47
N ASN A 86 -8.45 9.04 -13.61
CA ASN A 86 -7.76 10.27 -13.97
C ASN A 86 -7.40 10.27 -15.44
N PRO A 87 -7.93 11.24 -16.19
CA PRO A 87 -7.59 11.44 -17.59
C PRO A 87 -6.11 11.76 -17.78
N ALA A 88 -5.60 11.45 -18.97
CA ALA A 88 -4.25 11.83 -19.37
C ALA A 88 -3.19 11.28 -18.40
N ALA A 89 -3.29 9.99 -18.12
CA ALA A 89 -2.32 9.34 -17.24
C ALA A 89 -1.28 8.58 -18.05
N GLN A 90 -0.83 9.22 -19.14
CA GLN A 90 0.16 8.64 -20.05
C GLN A 90 -0.36 7.33 -20.64
N THR A 91 -1.64 7.29 -20.93
CA THR A 91 -2.27 6.11 -21.48
C THR A 91 -2.40 6.23 -23.01
N GLN A 92 -2.18 7.44 -23.51
CA GLN A 92 -2.24 7.69 -24.94
C GLN A 92 -1.15 6.93 -25.69
N GLY A 1 3.20 -14.73 -4.30
CA GLY A 1 2.05 -15.67 -4.19
C GLY A 1 0.74 -14.92 -4.01
N PRO A 2 -0.23 -15.52 -3.32
CA PRO A 2 -1.50 -14.87 -3.03
C PRO A 2 -1.35 -13.74 -2.00
N MET A 3 -2.39 -12.96 -1.80
CA MET A 3 -2.33 -11.85 -0.85
C MET A 3 -1.95 -12.34 0.55
N ALA A 4 -2.73 -13.29 1.07
CA ALA A 4 -2.52 -13.84 2.41
C ALA A 4 -3.56 -14.90 2.72
N THR A 5 -4.78 -14.46 2.98
CA THR A 5 -5.87 -15.36 3.32
C THR A 5 -7.09 -15.09 2.46
N ALA A 6 -7.43 -16.05 1.60
CA ALA A 6 -8.60 -15.95 0.71
C ALA A 6 -8.41 -14.80 -0.29
N VAL A 7 -9.43 -14.55 -1.09
CA VAL A 7 -9.38 -13.44 -2.05
C VAL A 7 -10.18 -12.24 -1.53
N GLN A 8 -9.46 -11.18 -1.21
CA GLN A 8 -10.07 -9.96 -0.71
C GLN A 8 -9.40 -8.74 -1.34
N ASN A 9 -8.10 -8.62 -1.10
CA ASN A 9 -7.33 -7.49 -1.59
C ASN A 9 -6.23 -7.99 -2.52
N PRO A 10 -6.53 -8.12 -3.83
CA PRO A 10 -5.53 -8.54 -4.82
C PRO A 10 -4.29 -7.65 -4.83
N LEU A 11 -4.49 -6.36 -4.59
CA LEU A 11 -3.40 -5.39 -4.56
C LEU A 11 -2.52 -5.56 -3.32
N GLU A 12 -3.12 -6.02 -2.23
CA GLU A 12 -2.46 -6.08 -0.92
C GLU A 12 -1.05 -6.66 -1.01
N THR A 13 -0.90 -7.64 -1.89
CA THR A 13 0.34 -8.35 -2.08
C THR A 13 1.54 -7.45 -2.43
N VAL A 14 1.31 -6.35 -3.12
CA VAL A 14 2.42 -5.49 -3.52
C VAL A 14 2.81 -4.52 -2.40
N VAL A 15 1.87 -4.23 -1.52
CA VAL A 15 2.06 -3.17 -0.56
C VAL A 15 3.11 -3.54 0.48
N LEU A 16 3.01 -4.75 1.01
CA LEU A 16 4.03 -5.25 1.94
C LEU A 16 5.30 -5.61 1.16
N GLN A 17 5.11 -5.98 -0.10
CA GLN A 17 6.23 -6.30 -0.99
C GLN A 17 7.12 -5.08 -1.16
N ALA A 18 6.50 -3.92 -1.21
CA ALA A 18 7.24 -2.68 -1.24
C ALA A 18 7.93 -2.43 0.09
N TRP A 19 7.18 -2.54 1.19
CA TRP A 19 7.70 -2.26 2.53
C TRP A 19 8.90 -3.13 2.86
N LYS A 20 8.83 -4.42 2.55
CA LYS A 20 9.91 -5.34 2.87
C LYS A 20 11.15 -5.04 2.04
N ASP A 21 10.96 -4.37 0.91
CA ASP A 21 12.08 -3.98 0.06
C ASP A 21 12.65 -2.65 0.53
N ILE A 22 11.77 -1.80 1.05
CA ILE A 22 12.18 -0.48 1.55
C ILE A 22 12.89 -0.62 2.90
N SER A 23 12.18 -1.14 3.88
CA SER A 23 12.68 -1.21 5.24
C SER A 23 13.49 -2.48 5.47
N GLY A 24 13.22 -3.50 4.67
CA GLY A 24 13.92 -4.77 4.83
C GLY A 24 13.15 -5.74 5.70
N ALA A 25 11.98 -5.31 6.16
CA ALA A 25 11.15 -6.12 7.03
C ALA A 25 10.33 -7.14 6.24
N ASP A 26 10.94 -8.27 5.94
CA ASP A 26 10.29 -9.31 5.16
C ASP A 26 9.34 -10.13 6.03
N ASP A 27 9.55 -10.08 7.34
CA ASP A 27 8.72 -10.80 8.29
C ASP A 27 7.36 -10.12 8.45
N PHE A 28 7.22 -8.96 7.81
CA PHE A 28 6.01 -8.16 7.91
C PHE A 28 4.88 -8.79 7.10
N THR A 29 3.73 -8.98 7.74
CA THR A 29 2.57 -9.56 7.09
C THR A 29 1.64 -8.45 6.59
N THR A 30 0.51 -8.83 6.00
CA THR A 30 -0.38 -7.85 5.42
C THR A 30 -1.36 -7.30 6.48
N THR A 31 -1.71 -8.15 7.44
CA THR A 31 -2.65 -7.78 8.48
C THR A 31 -1.95 -7.07 9.64
N ASP A 32 -0.64 -6.92 9.54
CA ASP A 32 0.13 -6.23 10.56
C ASP A 32 0.30 -4.77 10.18
N SER A 33 0.58 -3.92 11.17
CA SER A 33 0.75 -2.50 10.94
C SER A 33 2.22 -2.12 10.93
N PHE A 34 2.62 -1.22 10.04
CA PHE A 34 4.02 -0.82 9.96
C PHE A 34 4.52 -0.38 11.32
N LEU A 35 3.78 0.55 11.89
CA LEU A 35 4.19 1.23 13.11
C LEU A 35 4.12 0.29 14.31
N GLY A 36 3.17 -0.63 14.28
CA GLY A 36 3.09 -1.64 15.32
C GLY A 36 4.24 -2.62 15.24
N HIS A 37 4.77 -2.78 14.04
CA HIS A 37 5.93 -3.63 13.81
C HIS A 37 7.21 -2.82 14.04
N GLY A 38 7.02 -1.53 14.27
CA GLY A 38 8.15 -0.63 14.39
C GLY A 38 8.04 0.50 13.40
N GLY A 39 8.77 0.40 12.30
CA GLY A 39 8.64 1.35 11.23
C GLY A 39 9.44 2.61 11.46
N ASN A 40 10.27 2.98 10.50
CA ASN A 40 11.06 4.19 10.58
C ASN A 40 10.41 5.30 9.80
N WP9 A 41 10.52 6.52 10.31
CA WP9 A 41 9.70 7.63 9.84
C WP9 A 41 9.84 7.86 8.33
O WP9 A 41 8.83 7.99 7.62
CB WP9 A 41 10.05 8.90 10.61
OG WP9 A 41 11.05 9.67 9.93
P24 WP9 A 41 11.19 11.25 10.24
C11 WP9 A 41 3.01 11.94 8.99
O11 WP9 A 41 2.69 10.75 8.91
C12 WP9 A 41 2.76 12.66 10.16
C13 WP9 A 41 1.47 12.95 10.56
N13 WP9 A 41 0.48 12.52 9.77
C14 WP9 A 41 3.84 13.10 10.94
C15 WP9 A 41 1.21 13.66 11.73
C16 WP9 A 41 3.60 13.81 12.11
C17 WP9 A 41 2.29 14.09 12.51
O23 WP9 A 41 11.53 11.38 11.80
O26 WP9 A 41 12.19 11.91 9.40
O27 WP9 A 41 9.69 11.81 10.04
C28 WP9 A 41 9.20 12.11 8.73
C29 WP9 A 41 7.66 12.01 8.68
C30 WP9 A 41 7.19 12.27 7.26
C31 WP9 A 41 7.23 10.60 9.05
C32 WP9 A 41 7.01 13.03 9.65
O33 WP9 A 41 7.48 12.84 10.98
C34 WP9 A 41 7.29 14.47 9.21
O35 WP9 A 41 8.30 15.07 9.58
N36 WP9 A 41 6.35 15.00 8.40
C37 WP9 A 41 6.44 16.36 7.87
C38 WP9 A 41 6.46 16.33 6.35
C39 WP9 A 41 5.27 15.54 5.81
O40 WP9 A 41 5.37 14.85 4.79
N41 WP9 A 41 4.16 15.65 6.54
C42 WP9 A 41 2.91 14.97 6.19
C43 WP9 A 41 2.51 14.04 7.31
S44 WP9 A 41 3.80 12.81 7.71
H1 WP9 A 41 11.19 6.68 11.02
HA WP9 A 41 8.67 7.37 10.05
HB1 WP9 A 41 10.42 8.64 11.58
HB2 WP9 A 41 9.16 9.50 10.72
H131 WP9 A 41 0.68 12.02 8.93
H132 WP9 A 41 -0.47 12.72 10.02
H14 WP9 A 41 4.86 12.88 10.64
H15 WP9 A 41 0.19 13.88 12.03
H16 WP9 A 41 4.43 14.15 12.72
H17 WP9 A 41 2.10 14.66 13.43
H281 WP9 A 41 9.50 13.14 8.48
H282 WP9 A 41 9.63 11.40 8.01
H302 WP9 A 41 6.10 12.19 7.22
H303 WP9 A 41 7.63 11.54 6.59
H301 WP9 A 41 7.49 13.27 6.95
H312 WP9 A 41 7.55 10.36 10.06
H313 WP9 A 41 7.69 9.89 8.35
H311 WP9 A 41 6.14 10.52 8.98
H32 WP9 A 41 5.93 12.87 9.63
H33 WP9 A 41 7.05 13.50 11.59
H36 WP9 A 41 5.53 14.49 8.12
H371 WP9 A 41 7.37 16.82 8.22
H372 WP9 A 41 5.57 16.93 8.21
H381 WP9 A 41 7.38 15.87 6.01
H382 WP9 A 41 6.36 17.35 5.98
H41 WP9 A 41 4.11 16.24 7.34
H422 WP9 A 41 2.12 15.71 6.05
H421 WP9 A 41 3.06 14.38 5.28
H431 WP9 A 41 2.31 14.64 8.21
H432 WP9 A 41 1.60 13.49 7.00
N LEU A 42 11.07 7.87 7.83
CA LEU A 42 11.32 8.18 6.42
C LEU A 42 10.88 7.02 5.52
N HIS A 43 10.87 5.81 6.08
CA HIS A 43 10.45 4.64 5.33
C HIS A 43 8.98 4.76 4.94
N PHE A 44 8.18 5.42 5.77
CA PHE A 44 6.77 5.65 5.46
C PHE A 44 6.66 6.58 4.26
N VAL A 45 7.54 7.57 4.22
CA VAL A 45 7.56 8.55 3.15
C VAL A 45 7.90 7.91 1.81
N GLN A 46 9.00 7.16 1.81
CA GLN A 46 9.46 6.46 0.61
C GLN A 46 8.42 5.43 0.17
N LEU A 47 7.80 4.78 1.14
CA LEU A 47 6.77 3.79 0.89
C LEU A 47 5.61 4.41 0.11
N ALA A 48 5.06 5.49 0.65
CA ALA A 48 3.89 6.14 0.10
C ALA A 48 4.07 6.48 -1.38
N SER A 49 5.17 7.13 -1.70
CA SER A 49 5.40 7.59 -3.06
C SER A 49 5.79 6.43 -3.98
N ARG A 50 6.41 5.39 -3.41
CA ARG A 50 6.72 4.18 -4.19
C ARG A 50 5.43 3.45 -4.53
N LEU A 51 4.55 3.35 -3.53
CA LEU A 51 3.25 2.71 -3.73
C LEU A 51 2.46 3.43 -4.80
N GLN A 52 2.54 4.75 -4.80
CA GLN A 52 1.85 5.59 -5.77
C GLN A 52 2.08 5.11 -7.21
N LYS A 53 3.28 4.58 -7.45
CA LYS A 53 3.65 4.11 -8.78
C LYS A 53 2.81 2.90 -9.20
N ILE A 54 2.80 1.89 -8.33
CA ILE A 54 2.12 0.64 -8.64
C ILE A 54 0.62 0.71 -8.34
N PHE A 55 0.23 1.69 -7.54
CA PHE A 55 -1.18 1.89 -7.21
C PHE A 55 -1.89 2.66 -8.32
N GLY A 56 -1.16 3.58 -8.95
CA GLY A 56 -1.77 4.44 -9.95
C GLY A 56 -2.60 5.53 -9.30
N VAL A 57 -2.42 5.68 -8.00
CA VAL A 57 -3.16 6.65 -7.22
C VAL A 57 -2.18 7.51 -6.43
N GLU A 58 -2.49 8.79 -6.30
CA GLU A 58 -1.65 9.70 -5.54
C GLU A 58 -1.61 9.30 -4.05
N VAL A 59 -0.41 8.98 -3.58
CA VAL A 59 -0.23 8.56 -2.20
C VAL A 59 0.86 9.37 -1.53
N SER A 60 0.57 9.86 -0.33
CA SER A 60 1.55 10.60 0.45
C SER A 60 1.72 9.93 1.82
N THR A 61 2.64 10.44 2.63
CA THR A 61 3.03 9.77 3.86
C THR A 61 1.85 9.52 4.81
N GLU A 62 1.00 10.53 4.99
CA GLU A 62 -0.07 10.43 5.97
C GLU A 62 -1.07 9.33 5.60
N ASP A 63 -1.16 9.02 4.31
CA ASP A 63 -2.06 7.97 3.84
C ASP A 63 -1.65 6.62 4.45
N VAL A 64 -0.38 6.28 4.35
CA VAL A 64 0.12 5.01 4.85
C VAL A 64 0.24 5.05 6.38
N PHE A 65 0.44 6.26 6.91
CA PHE A 65 0.56 6.48 8.34
C PHE A 65 -0.79 6.42 9.03
N ARG A 66 -1.84 6.62 8.25
CA ARG A 66 -3.20 6.66 8.78
C ARG A 66 -3.78 5.27 9.01
N HIS A 67 -3.71 4.42 7.98
CA HIS A 67 -4.37 3.12 8.03
C HIS A 67 -3.54 2.11 8.80
N GLY A 68 -2.23 2.35 8.87
CA GLY A 68 -1.35 1.47 9.62
C GLY A 68 -1.03 0.16 8.91
N THR A 69 -2.05 -0.48 8.36
CA THR A 69 -1.89 -1.80 7.75
C THR A 69 -2.00 -1.70 6.24
N VAL A 70 -1.31 -2.62 5.56
CA VAL A 70 -1.36 -2.68 4.11
C VAL A 70 -2.69 -3.25 3.66
N GLU A 71 -3.35 -3.97 4.56
CA GLU A 71 -4.68 -4.50 4.30
C GLU A 71 -5.67 -3.35 4.14
N GLN A 72 -5.69 -2.46 5.12
CA GLN A 72 -6.55 -1.29 5.07
C GLN A 72 -6.13 -0.36 3.92
N LEU A 73 -4.84 -0.32 3.63
CA LEU A 73 -4.33 0.49 2.52
C LEU A 73 -4.85 -0.03 1.20
N ALA A 74 -4.74 -1.33 0.97
CA ALA A 74 -5.13 -1.91 -0.30
C ALA A 74 -6.60 -1.66 -0.60
N ARG A 75 -7.45 -1.87 0.40
CA ARG A 75 -8.88 -1.60 0.26
C ARG A 75 -9.12 -0.15 -0.16
N PHE A 76 -8.37 0.76 0.47
CA PHE A 76 -8.47 2.18 0.17
C PHE A 76 -7.99 2.47 -1.26
N VAL A 77 -6.96 1.77 -1.71
CA VAL A 77 -6.39 2.00 -3.01
C VAL A 77 -7.22 1.36 -4.12
N GLU A 78 -7.56 0.09 -3.95
CA GLU A 78 -8.27 -0.65 -4.98
C GLU A 78 -9.61 -0.01 -5.31
N GLN A 79 -10.32 0.44 -4.28
CA GLN A 79 -11.61 1.10 -4.48
C GLN A 79 -11.41 2.49 -5.08
N SER A 80 -10.26 3.10 -4.80
CA SER A 80 -9.95 4.41 -5.35
C SER A 80 -9.69 4.29 -6.85
N ARG A 81 -8.83 3.35 -7.23
CA ARG A 81 -8.48 3.14 -8.64
C ARG A 81 -9.66 2.54 -9.41
N ASP A 82 -10.55 1.88 -8.70
CA ASP A 82 -11.74 1.28 -9.30
C ASP A 82 -12.69 2.37 -9.76
N THR A 83 -12.58 3.52 -9.11
CA THR A 83 -13.35 4.69 -9.48
C THR A 83 -12.70 5.40 -10.67
N GLY A 84 -11.55 4.89 -11.10
CA GLY A 84 -10.83 5.47 -12.20
C GLY A 84 -11.51 5.21 -13.52
N ARG A 85 -11.72 6.26 -14.30
CA ARG A 85 -12.43 6.15 -15.57
C ARG A 85 -11.56 6.67 -16.71
N ASN A 86 -11.96 6.36 -17.94
CA ASN A 86 -11.22 6.77 -19.12
C ASN A 86 -12.16 7.38 -20.14
N PRO A 87 -11.67 8.36 -20.92
CA PRO A 87 -12.48 9.04 -21.94
C PRO A 87 -12.55 8.29 -23.26
N ALA A 88 -12.38 6.98 -23.21
CA ALA A 88 -12.44 6.14 -24.39
C ALA A 88 -13.33 4.93 -24.14
N ALA A 89 -14.31 5.13 -23.28
CA ALA A 89 -15.19 4.04 -22.87
C ALA A 89 -16.52 4.10 -23.62
N GLN A 90 -16.48 4.60 -24.84
CA GLN A 90 -17.66 4.67 -25.67
C GLN A 90 -17.79 3.38 -26.48
N THR A 91 -16.70 2.66 -26.59
CA THR A 91 -16.68 1.38 -27.29
C THR A 91 -17.59 0.36 -26.59
N GLN A 92 -17.36 0.16 -25.31
CA GLN A 92 -18.16 -0.77 -24.53
C GLN A 92 -18.92 -0.03 -23.44
N GLY A 1 -1.78 -17.11 -7.83
CA GLY A 1 -1.46 -15.69 -8.06
C GLY A 1 -0.51 -15.15 -7.03
N PRO A 2 0.71 -14.73 -7.43
CA PRO A 2 1.72 -14.19 -6.52
C PRO A 2 1.19 -13.05 -5.65
N MET A 3 0.59 -12.06 -6.28
CA MET A 3 0.04 -10.93 -5.54
C MET A 3 -1.45 -11.15 -5.26
N ALA A 4 -2.09 -11.95 -6.08
CA ALA A 4 -3.51 -12.21 -5.93
C ALA A 4 -3.78 -13.31 -4.92
N THR A 5 -3.65 -12.98 -3.64
CA THR A 5 -4.04 -13.90 -2.58
C THR A 5 -5.57 -13.95 -2.54
N ALA A 6 -6.16 -12.78 -2.70
CA ALA A 6 -7.59 -12.64 -2.83
C ALA A 6 -7.90 -11.85 -4.09
N VAL A 7 -8.81 -12.34 -4.91
CA VAL A 7 -9.13 -11.71 -6.17
C VAL A 7 -10.11 -10.56 -5.96
N GLN A 8 -10.33 -10.26 -4.69
CA GLN A 8 -11.19 -9.17 -4.29
C GLN A 8 -10.33 -7.96 -3.93
N ASN A 9 -9.03 -8.21 -3.72
CA ASN A 9 -8.09 -7.18 -3.33
C ASN A 9 -6.65 -7.66 -3.52
N PRO A 10 -6.24 -7.90 -4.79
CA PRO A 10 -4.91 -8.43 -5.09
C PRO A 10 -3.81 -7.42 -4.81
N LEU A 11 -4.18 -6.15 -4.79
CA LEU A 11 -3.23 -5.07 -4.52
C LEU A 11 -2.61 -5.21 -3.14
N GLU A 12 -3.38 -5.78 -2.22
CA GLU A 12 -2.96 -5.87 -0.82
C GLU A 12 -1.57 -6.46 -0.68
N THR A 13 -1.20 -7.31 -1.63
CA THR A 13 0.07 -8.01 -1.57
C THR A 13 1.23 -7.21 -2.17
N VAL A 14 0.94 -6.25 -3.03
CA VAL A 14 2.00 -5.49 -3.66
C VAL A 14 2.48 -4.37 -2.74
N VAL A 15 1.61 -3.96 -1.82
CA VAL A 15 1.91 -2.86 -0.91
C VAL A 15 3.09 -3.19 0.00
N LEU A 16 2.93 -4.25 0.79
CA LEU A 16 3.98 -4.67 1.71
C LEU A 16 5.21 -5.17 0.96
N GLN A 17 5.01 -5.58 -0.28
CA GLN A 17 6.12 -6.05 -1.11
C GLN A 17 7.17 -4.97 -1.24
N ALA A 18 6.71 -3.72 -1.32
CA ALA A 18 7.59 -2.57 -1.37
C ALA A 18 8.27 -2.34 -0.01
N TRP A 19 7.50 -2.53 1.06
CA TRP A 19 8.01 -2.34 2.42
C TRP A 19 9.10 -3.35 2.73
N LYS A 20 9.01 -4.51 2.10
CA LYS A 20 10.00 -5.56 2.26
C LYS A 20 11.34 -5.13 1.67
N ASP A 21 11.30 -4.18 0.76
CA ASP A 21 12.52 -3.58 0.22
C ASP A 21 12.99 -2.44 1.11
N ILE A 22 12.04 -1.60 1.52
CA ILE A 22 12.35 -0.40 2.29
C ILE A 22 12.97 -0.73 3.64
N SER A 23 12.20 -1.39 4.49
CA SER A 23 12.69 -1.77 5.81
C SER A 23 13.32 -3.15 5.78
N GLY A 24 12.88 -3.97 4.84
CA GLY A 24 13.41 -5.32 4.74
C GLY A 24 12.55 -6.33 5.49
N ALA A 25 11.42 -5.86 5.99
CA ALA A 25 10.55 -6.69 6.81
C ALA A 25 9.79 -7.74 5.99
N ASP A 26 10.36 -8.94 5.93
CA ASP A 26 9.70 -10.05 5.25
C ASP A 26 8.67 -10.69 6.17
N ASP A 27 8.87 -10.51 7.46
CA ASP A 27 7.96 -11.01 8.49
C ASP A 27 6.68 -10.18 8.54
N PHE A 28 6.75 -8.99 7.94
CA PHE A 28 5.62 -8.10 7.87
C PHE A 28 4.60 -8.61 6.84
N THR A 29 3.40 -8.94 7.31
CA THR A 29 2.34 -9.43 6.44
C THR A 29 1.38 -8.30 6.10
N THR A 30 0.25 -8.63 5.47
CA THR A 30 -0.70 -7.61 5.07
C THR A 30 -1.52 -7.12 6.26
N THR A 31 -1.68 -8.01 7.23
CA THR A 31 -2.50 -7.71 8.40
C THR A 31 -1.64 -7.21 9.55
N ASP A 32 -0.37 -6.97 9.26
CA ASP A 32 0.56 -6.45 10.25
C ASP A 32 0.63 -4.93 10.14
N SER A 33 1.19 -4.28 11.14
CA SER A 33 1.23 -2.82 11.16
C SER A 33 2.67 -2.31 11.17
N PHE A 34 2.98 -1.34 10.30
CA PHE A 34 4.36 -0.85 10.14
C PHE A 34 4.97 -0.47 11.48
N LEU A 35 4.32 0.47 12.15
CA LEU A 35 4.85 1.13 13.34
C LEU A 35 5.05 0.13 14.48
N GLY A 36 4.07 -0.74 14.68
CA GLY A 36 4.16 -1.75 15.70
C GLY A 36 5.25 -2.77 15.39
N HIS A 37 5.47 -3.01 14.11
CA HIS A 37 6.49 -3.95 13.67
C HIS A 37 7.87 -3.31 13.80
N GLY A 38 7.89 -1.99 13.88
CA GLY A 38 9.14 -1.28 13.93
C GLY A 38 9.38 -0.49 12.66
N GLY A 39 8.65 0.59 12.49
CA GLY A 39 8.78 1.40 11.30
C GLY A 39 9.19 2.82 11.62
N ASN A 40 10.14 3.35 10.88
CA ASN A 40 10.60 4.71 11.09
C ASN A 40 9.99 5.65 10.07
N WP9 A 41 9.72 6.87 10.53
CA WP9 A 41 8.95 7.87 9.78
C WP9 A 41 9.32 8.00 8.30
O WP9 A 41 8.44 7.96 7.44
CB WP9 A 41 9.11 9.21 10.47
OG WP9 A 41 8.34 9.27 11.67
P24 WP9 A 41 7.83 10.68 12.22
C11 WP9 A 41 4.06 13.61 2.97
O11 WP9 A 41 3.99 12.65 2.21
C12 WP9 A 41 5.30 14.09 3.40
C13 WP9 A 41 5.97 15.05 2.66
N13 WP9 A 41 5.36 15.50 1.56
C14 WP9 A 41 5.91 13.57 4.56
C15 WP9 A 41 7.23 15.51 3.04
C16 WP9 A 41 7.17 14.03 4.95
C17 WP9 A 41 7.82 15.00 4.19
O23 WP9 A 41 7.20 10.42 13.67
O26 WP9 A 41 8.89 11.72 12.27
O27 WP9 A 41 6.60 11.06 11.25
C28 WP9 A 41 6.87 11.58 9.94
C29 WP9 A 41 5.66 11.39 9.03
C30 WP9 A 41 5.93 12.05 7.68
C31 WP9 A 41 5.46 9.90 8.76
C32 WP9 A 41 4.38 11.99 9.66
O33 WP9 A 41 3.95 11.16 10.76
C34 WP9 A 41 4.65 13.40 10.17
O35 WP9 A 41 4.94 13.62 11.34
N36 WP9 A 41 4.52 14.35 9.23
C37 WP9 A 41 4.74 15.77 9.53
C38 WP9 A 41 3.50 16.57 9.16
C39 WP9 A 41 3.12 16.32 7.71
O40 WP9 A 41 3.63 17.00 6.81
N41 WP9 A 41 2.24 15.33 7.52
C42 WP9 A 41 1.77 14.96 6.18
C43 WP9 A 41 2.93 14.41 5.37
S44 WP9 A 41 2.64 14.47 3.57
H1 WP9 A 41 10.05 7.10 11.42
HA WP9 A 41 7.91 7.60 9.83
HB1 WP9 A 41 8.77 10.00 9.80
HB2 WP9 A 41 10.14 9.38 10.71
H131 WP9 A 41 5.79 15.39 0.66
H132 WP9 A 41 4.47 15.96 1.64
H14 WP9 A 41 5.40 12.81 5.15
H15 WP9 A 41 7.74 16.27 2.44
H16 WP9 A 41 7.64 13.63 5.84
H17 WP9 A 41 8.81 15.35 4.49
H281 WP9 A 41 7.09 12.65 10.01
H282 WP9 A 41 7.72 11.04 9.52
H302 WP9 A 41 6.09 13.12 7.84
H303 WP9 A 41 5.07 11.90 7.03
H301 WP9 A 41 6.81 11.60 7.23
H312 WP9 A 41 5.34 9.37 9.71
H313 WP9 A 41 6.33 9.50 8.24
H311 WP9 A 41 4.56 9.76 8.15
H32 WP9 A 41 3.60 12.02 8.90
H33 WP9 A 41 3.74 10.24 10.42
H36 WP9 A 41 4.28 14.14 8.28
H371 WP9 A 41 5.58 16.13 8.92
H372 WP9 A 41 4.95 15.88 10.59
H381 WP9 A 41 3.71 17.64 9.30
H382 WP9 A 41 2.67 16.25 9.81
H41 WP9 A 41 1.85 14.80 8.26
H422 WP9 A 41 1.00 14.19 6.27
H421 WP9 A 41 1.37 15.85 5.68
H431 WP9 A 41 3.82 15.02 5.59
H432 WP9 A 41 3.09 13.36 5.66
N LEU A 42 10.61 8.16 8.00
CA LEU A 42 11.01 8.42 6.62
C LEU A 42 10.72 7.24 5.71
N HIS A 43 10.69 6.04 6.28
CA HIS A 43 10.37 4.85 5.50
C HIS A 43 8.92 4.89 5.04
N PHE A 44 8.07 5.54 5.83
CA PHE A 44 6.67 5.73 5.45
C PHE A 44 6.58 6.71 4.30
N VAL A 45 7.41 7.75 4.38
CA VAL A 45 7.47 8.79 3.36
C VAL A 45 7.92 8.20 2.02
N GLN A 46 8.94 7.36 2.10
CA GLN A 46 9.45 6.67 0.92
C GLN A 46 8.40 5.70 0.39
N LEU A 47 7.78 4.96 1.29
CA LEU A 47 6.77 3.96 0.94
C LEU A 47 5.62 4.57 0.15
N ALA A 48 4.99 5.58 0.74
CA ALA A 48 3.77 6.16 0.19
C ALA A 48 3.92 6.58 -1.27
N SER A 49 4.91 7.43 -1.54
CA SER A 49 5.10 7.94 -2.89
C SER A 49 5.58 6.82 -3.83
N ARG A 50 6.25 5.82 -3.26
CA ARG A 50 6.68 4.66 -4.02
C ARG A 50 5.47 3.83 -4.45
N LEU A 51 4.50 3.73 -3.55
CA LEU A 51 3.28 2.98 -3.80
C LEU A 51 2.50 3.58 -4.97
N GLN A 52 2.66 4.88 -5.18
CA GLN A 52 1.96 5.56 -6.27
C GLN A 52 2.25 4.91 -7.62
N LYS A 53 3.46 4.38 -7.77
CA LYS A 53 3.86 3.75 -9.02
C LYS A 53 3.11 2.44 -9.25
N ILE A 54 3.03 1.64 -8.20
CA ILE A 54 2.41 0.31 -8.30
C ILE A 54 0.90 0.37 -8.16
N PHE A 55 0.39 1.42 -7.52
CA PHE A 55 -1.05 1.57 -7.33
C PHE A 55 -1.69 2.26 -8.53
N GLY A 56 -0.94 3.19 -9.13
CA GLY A 56 -1.47 3.98 -10.21
C GLY A 56 -2.33 5.12 -9.71
N VAL A 57 -2.25 5.38 -8.41
CA VAL A 57 -3.02 6.42 -7.76
C VAL A 57 -2.09 7.25 -6.87
N GLU A 58 -2.36 8.55 -6.78
CA GLU A 58 -1.57 9.44 -5.94
C GLU A 58 -1.65 9.04 -4.46
N VAL A 59 -0.50 8.74 -3.87
CA VAL A 59 -0.44 8.33 -2.48
C VAL A 59 0.55 9.19 -1.72
N SER A 60 0.13 9.70 -0.58
CA SER A 60 1.00 10.50 0.27
C SER A 60 1.23 9.78 1.59
N THR A 61 2.25 10.19 2.34
CA THR A 61 2.62 9.52 3.59
C THR A 61 1.47 9.53 4.59
N GLU A 62 0.60 10.53 4.46
CA GLU A 62 -0.53 10.68 5.37
C GLU A 62 -1.39 9.42 5.39
N ASP A 63 -1.51 8.76 4.24
CA ASP A 63 -2.36 7.57 4.13
C ASP A 63 -1.74 6.36 4.79
N VAL A 64 -0.47 6.11 4.50
CA VAL A 64 0.20 4.93 5.06
C VAL A 64 0.38 5.07 6.57
N PHE A 65 0.53 6.30 7.03
CA PHE A 65 0.64 6.60 8.45
C PHE A 65 -0.74 6.59 9.10
N ARG A 66 -1.77 6.69 8.27
CA ARG A 66 -3.14 6.77 8.74
C ARG A 66 -3.65 5.42 9.26
N HIS A 67 -3.50 4.37 8.47
CA HIS A 67 -4.10 3.08 8.84
C HIS A 67 -3.08 2.12 9.46
N GLY A 68 -1.79 2.33 9.17
CA GLY A 68 -0.76 1.48 9.75
C GLY A 68 -0.67 0.09 9.12
N THR A 69 -1.79 -0.42 8.65
CA THR A 69 -1.86 -1.75 8.05
C THR A 69 -2.08 -1.65 6.54
N VAL A 70 -1.38 -2.47 5.78
CA VAL A 70 -1.46 -2.44 4.33
C VAL A 70 -2.79 -3.00 3.83
N GLU A 71 -3.44 -3.82 4.65
CA GLU A 71 -4.75 -4.35 4.32
C GLU A 71 -5.78 -3.23 4.19
N GLN A 72 -5.70 -2.27 5.11
CA GLN A 72 -6.63 -1.15 5.10
C GLN A 72 -6.21 -0.11 4.08
N LEU A 73 -4.92 -0.06 3.78
CA LEU A 73 -4.41 0.83 2.74
C LEU A 73 -4.91 0.38 1.38
N ALA A 74 -4.70 -0.89 1.07
CA ALA A 74 -5.12 -1.46 -0.20
C ALA A 74 -6.63 -1.33 -0.39
N ARG A 75 -7.35 -1.37 0.72
CA ARG A 75 -8.80 -1.20 0.70
C ARG A 75 -9.18 0.13 0.07
N PHE A 76 -8.54 1.20 0.52
CA PHE A 76 -8.85 2.53 0.03
C PHE A 76 -8.30 2.73 -1.38
N VAL A 77 -7.17 2.10 -1.67
CA VAL A 77 -6.55 2.23 -2.98
C VAL A 77 -7.36 1.53 -4.05
N GLU A 78 -7.66 0.25 -3.84
CA GLU A 78 -8.39 -0.54 -4.82
C GLU A 78 -9.74 0.09 -5.17
N GLN A 79 -10.40 0.66 -4.17
CA GLN A 79 -11.68 1.32 -4.41
C GLN A 79 -11.49 2.58 -5.26
N SER A 80 -10.45 3.35 -4.97
CA SER A 80 -10.17 4.57 -5.72
C SER A 80 -9.59 4.22 -7.11
N ARG A 81 -8.93 3.08 -7.17
CA ARG A 81 -8.31 2.59 -8.39
C ARG A 81 -9.37 2.05 -9.34
N ASP A 82 -10.25 1.22 -8.80
CA ASP A 82 -11.34 0.63 -9.58
C ASP A 82 -12.26 1.72 -10.14
N THR A 83 -12.54 2.71 -9.31
CA THR A 83 -13.35 3.85 -9.74
C THR A 83 -12.49 4.92 -10.37
N GLY A 84 -11.27 4.54 -10.76
CA GLY A 84 -10.35 5.46 -11.41
C GLY A 84 -10.87 5.91 -12.75
N ARG A 85 -11.59 7.01 -12.74
CA ARG A 85 -12.22 7.54 -13.93
C ARG A 85 -11.20 8.32 -14.76
N ASN A 86 -10.71 9.40 -14.19
CA ASN A 86 -9.77 10.27 -14.87
C ASN A 86 -8.34 9.79 -14.63
N PRO A 87 -7.63 9.42 -15.72
CA PRO A 87 -6.21 9.05 -15.66
C PRO A 87 -5.34 10.22 -15.20
N ALA A 88 -4.07 9.94 -14.96
CA ALA A 88 -3.15 10.96 -14.49
C ALA A 88 -2.76 11.91 -15.61
N ALA A 89 -3.65 12.85 -15.91
CA ALA A 89 -3.38 13.88 -16.90
C ALA A 89 -3.25 15.24 -16.23
N GLN A 90 -3.12 15.21 -14.91
CA GLN A 90 -2.99 16.42 -14.11
C GLN A 90 -1.62 17.07 -14.36
N THR A 91 -1.63 18.39 -14.57
CA THR A 91 -0.42 19.15 -14.84
C THR A 91 0.10 18.90 -16.25
N GLN A 92 0.52 17.67 -16.52
CA GLN A 92 1.06 17.31 -17.82
C GLN A 92 0.35 16.09 -18.38
N GLY A 1 6.80 -11.36 -4.60
CA GLY A 1 5.34 -11.21 -4.37
C GLY A 1 4.59 -10.92 -5.66
N PRO A 2 3.66 -11.79 -6.06
CA PRO A 2 2.91 -11.63 -7.31
C PRO A 2 1.79 -10.60 -7.18
N MET A 3 1.55 -9.86 -8.25
CA MET A 3 0.47 -8.89 -8.28
C MET A 3 -0.85 -9.57 -8.58
N ALA A 4 -1.32 -10.35 -7.62
CA ALA A 4 -2.55 -11.12 -7.77
C ALA A 4 -3.77 -10.20 -7.84
N THR A 5 -4.72 -10.55 -8.70
CA THR A 5 -5.94 -9.79 -8.86
C THR A 5 -7.12 -10.55 -8.27
N ALA A 6 -7.51 -11.63 -8.93
CA ALA A 6 -8.68 -12.41 -8.51
C ALA A 6 -8.29 -13.44 -7.45
N VAL A 7 -7.64 -12.97 -6.41
CA VAL A 7 -7.19 -13.83 -5.32
C VAL A 7 -7.57 -13.17 -3.99
N GLN A 8 -7.58 -13.95 -2.91
CA GLN A 8 -7.95 -13.46 -1.58
C GLN A 8 -7.21 -12.16 -1.26
N ASN A 9 -5.88 -12.18 -1.39
CA ASN A 9 -5.08 -10.99 -1.20
C ASN A 9 -4.71 -10.40 -2.57
N PRO A 10 -5.41 -9.35 -3.01
CA PRO A 10 -5.17 -8.73 -4.32
C PRO A 10 -3.97 -7.79 -4.32
N LEU A 11 -4.20 -6.49 -4.57
CA LEU A 11 -3.10 -5.54 -4.70
C LEU A 11 -2.34 -5.38 -3.39
N GLU A 12 -2.98 -5.71 -2.27
CA GLU A 12 -2.34 -5.61 -0.97
C GLU A 12 -1.04 -6.41 -0.96
N THR A 13 -0.95 -7.35 -1.89
CA THR A 13 0.22 -8.21 -2.00
C THR A 13 1.45 -7.47 -2.54
N VAL A 14 1.24 -6.37 -3.24
CA VAL A 14 2.37 -5.59 -3.73
C VAL A 14 2.83 -4.60 -2.67
N VAL A 15 1.89 -4.19 -1.83
CA VAL A 15 2.15 -3.15 -0.83
C VAL A 15 3.18 -3.62 0.19
N LEU A 16 2.94 -4.78 0.78
CA LEU A 16 3.86 -5.33 1.78
C LEU A 16 5.18 -5.73 1.11
N GLN A 17 5.10 -6.11 -0.16
CA GLN A 17 6.28 -6.47 -0.93
C GLN A 17 7.24 -5.28 -0.98
N ALA A 18 6.67 -4.11 -1.24
CA ALA A 18 7.43 -2.88 -1.25
C ALA A 18 8.09 -2.64 0.10
N TRP A 19 7.32 -2.79 1.17
CA TRP A 19 7.80 -2.54 2.53
C TRP A 19 8.91 -3.50 2.93
N LYS A 20 8.83 -4.74 2.44
CA LYS A 20 9.85 -5.74 2.72
C LYS A 20 11.21 -5.29 2.21
N ASP A 21 11.20 -4.53 1.14
CA ASP A 21 12.44 -3.99 0.57
C ASP A 21 12.83 -2.68 1.25
N ILE A 22 11.82 -1.89 1.62
CA ILE A 22 12.06 -0.60 2.25
C ILE A 22 12.64 -0.76 3.66
N SER A 23 11.88 -1.40 4.53
CA SER A 23 12.29 -1.54 5.92
C SER A 23 13.14 -2.79 6.11
N GLY A 24 12.87 -3.80 5.29
CA GLY A 24 13.58 -5.06 5.42
C GLY A 24 12.72 -6.10 6.11
N ALA A 25 11.56 -5.69 6.58
CA ALA A 25 10.64 -6.58 7.27
C ALA A 25 10.03 -7.60 6.32
N ASP A 26 10.61 -8.78 6.26
CA ASP A 26 10.12 -9.84 5.41
C ASP A 26 8.97 -10.59 6.09
N ASP A 27 8.96 -10.52 7.42
CA ASP A 27 7.93 -11.18 8.21
C ASP A 27 6.67 -10.32 8.28
N PHE A 28 6.68 -9.24 7.53
CA PHE A 28 5.57 -8.30 7.50
C PHE A 28 4.48 -8.81 6.56
N THR A 29 3.26 -8.93 7.07
CA THR A 29 2.13 -9.36 6.27
C THR A 29 1.22 -8.17 5.96
N THR A 30 0.08 -8.40 5.31
CA THR A 30 -0.74 -7.28 4.89
C THR A 30 -1.49 -6.65 6.07
N THR A 31 -1.87 -7.45 7.04
CA THR A 31 -2.61 -6.95 8.18
C THR A 31 -1.67 -6.59 9.34
N ASP A 32 -0.37 -6.77 9.12
CA ASP A 32 0.63 -6.41 10.12
C ASP A 32 0.87 -4.91 10.06
N SER A 33 1.15 -4.30 11.21
CA SER A 33 1.34 -2.86 11.29
C SER A 33 2.81 -2.49 11.16
N PHE A 34 3.10 -1.46 10.36
CA PHE A 34 4.45 -0.95 10.20
C PHE A 34 5.02 -0.56 11.55
N LEU A 35 4.26 0.25 12.25
CA LEU A 35 4.69 0.91 13.48
C LEU A 35 4.92 -0.10 14.60
N GLY A 36 4.11 -1.15 14.62
CA GLY A 36 4.25 -2.19 15.62
C GLY A 36 5.58 -2.92 15.52
N HIS A 37 6.10 -3.00 14.29
CA HIS A 37 7.37 -3.68 14.04
C HIS A 37 8.52 -2.68 14.12
N GLY A 38 8.20 -1.45 14.46
CA GLY A 38 9.20 -0.40 14.49
C GLY A 38 9.23 0.35 13.17
N GLY A 39 8.53 1.47 13.13
CA GLY A 39 8.40 2.20 11.88
C GLY A 39 9.29 3.43 11.84
N ASN A 40 10.13 3.49 10.82
CA ASN A 40 10.95 4.66 10.57
C ASN A 40 10.17 5.65 9.71
N WP9 A 41 10.08 6.86 10.21
CA WP9 A 41 9.19 7.88 9.66
C WP9 A 41 9.48 8.16 8.18
O WP9 A 41 8.57 8.42 7.41
CB WP9 A 41 9.33 9.17 10.47
OG WP9 A 41 10.37 9.99 9.96
P24 WP9 A 41 10.39 11.56 10.31
C11 WP9 A 41 2.02 12.94 9.97
O11 WP9 A 41 0.84 13.24 10.14
C12 WP9 A 41 2.74 12.31 10.98
C13 WP9 A 41 2.94 12.93 12.21
N13 WP9 A 41 2.38 14.13 12.39
C14 WP9 A 41 3.31 11.05 10.76
C15 WP9 A 41 3.67 12.33 13.22
C16 WP9 A 41 4.05 10.43 11.77
C17 WP9 A 41 4.24 11.06 13.00
O23 WP9 A 41 10.53 11.69 11.90
O26 WP9 A 41 11.45 12.31 9.61
O27 WP9 A 41 8.89 12.06 9.94
C28 WP9 A 41 8.56 12.37 8.59
C29 WP9 A 41 7.04 12.16 8.35
C30 WP9 A 41 6.71 12.47 6.89
C31 WP9 A 41 6.68 10.71 8.59
C32 WP9 A 41 6.20 13.06 9.27
O33 WP9 A 41 6.42 12.69 10.65
C34 WP9 A 41 6.54 14.54 9.09
O35 WP9 A 41 7.39 15.09 9.80
N36 WP9 A 41 5.84 15.15 8.12
C37 WP9 A 41 6.04 16.57 7.80
C38 WP9 A 41 5.19 16.97 6.60
C39 WP9 A 41 3.75 16.49 6.74
O40 WP9 A 41 2.91 17.17 7.32
N41 WP9 A 41 3.51 15.28 6.18
C42 WP9 A 41 2.19 14.65 6.21
C43 WP9 A 41 1.77 14.34 7.63
S44 WP9 A 41 2.91 13.20 8.49
H1 WP9 A 41 10.64 7.10 10.98
HA WP9 A 41 8.18 7.52 9.75
HB1 WP9 A 41 9.55 8.92 11.49
HB2 WP9 A 41 8.39 9.71 10.43
H131 WP9 A 41 2.95 14.92 12.61
H132 WP9 A 41 1.39 14.24 12.31
H14 WP9 A 41 3.16 10.55 9.81
H15 WP9 A 41 3.82 12.82 14.18
H16 WP9 A 41 4.49 9.45 11.59
H17 WP9 A 41 4.82 10.58 13.78
H281 WP9 A 41 8.81 13.41 8.39
H282 WP9 A 41 9.12 11.70 7.92
H302 WP9 A 41 7.28 11.80 6.25
H303 WP9 A 41 6.97 13.50 6.67
H301 WP9 A 41 5.64 12.32 6.73
H312 WP9 A 41 5.64 10.54 8.33
H313 WP9 A 41 6.82 10.46 9.65
H311 WP9 A 41 7.32 10.06 7.99
H32 WP9 A 41 5.14 12.91 9.03
H33 WP9 A 41 5.87 13.27 11.25
H36 WP9 A 41 5.16 14.68 7.57
H371 WP9 A 41 7.10 16.73 7.57
H372 WP9 A 41 5.73 17.17 8.67
H381 WP9 A 41 5.62 16.52 5.70
H382 WP9 A 41 5.19 18.07 6.53
H41 WP9 A 41 4.21 14.75 5.73
H422 WP9 A 41 1.45 15.32 5.77
H421 WP9 A 41 2.25 13.71 5.65
H431 WP9 A 41 1.76 15.29 8.19
H432 WP9 A 41 0.78 13.88 7.61
N LEU A 42 10.76 8.10 7.80
CA LEU A 42 11.14 8.36 6.42
C LEU A 42 10.75 7.19 5.53
N HIS A 43 10.80 5.99 6.08
CA HIS A 43 10.46 4.79 5.33
C HIS A 43 9.00 4.85 4.88
N PHE A 44 8.15 5.45 5.70
CA PHE A 44 6.74 5.65 5.35
C PHE A 44 6.63 6.57 4.13
N VAL A 45 7.49 7.57 4.08
CA VAL A 45 7.50 8.53 2.98
C VAL A 45 7.85 7.84 1.67
N GLN A 46 8.92 7.06 1.69
CA GLN A 46 9.35 6.31 0.52
C GLN A 46 8.33 5.25 0.15
N LEU A 47 7.75 4.61 1.16
CA LEU A 47 6.71 3.62 0.96
C LEU A 47 5.54 4.21 0.19
N ALA A 48 4.96 5.26 0.75
CA ALA A 48 3.79 5.90 0.18
C ALA A 48 3.99 6.28 -1.28
N SER A 49 5.12 6.89 -1.56
CA SER A 49 5.41 7.37 -2.90
C SER A 49 5.79 6.22 -3.84
N ARG A 50 6.35 5.16 -3.28
CA ARG A 50 6.65 3.97 -4.06
C ARG A 50 5.36 3.24 -4.40
N LEU A 51 4.43 3.23 -3.45
CA LEU A 51 3.14 2.61 -3.66
C LEU A 51 2.35 3.38 -4.71
N GLN A 52 2.55 4.69 -4.73
CA GLN A 52 1.81 5.56 -5.63
C GLN A 52 1.85 5.09 -7.09
N LYS A 53 3.00 4.58 -7.52
CA LYS A 53 3.16 4.17 -8.92
C LYS A 53 2.47 2.83 -9.21
N ILE A 54 2.36 1.96 -8.21
CA ILE A 54 1.66 0.70 -8.39
C ILE A 54 0.18 0.85 -8.06
N PHE A 55 -0.15 1.92 -7.35
CA PHE A 55 -1.53 2.17 -6.97
C PHE A 55 -2.26 2.98 -8.03
N GLY A 56 -1.52 3.90 -8.66
CA GLY A 56 -2.11 4.77 -9.66
C GLY A 56 -2.95 5.86 -9.04
N VAL A 57 -2.78 6.03 -7.74
CA VAL A 57 -3.53 7.00 -6.96
C VAL A 57 -2.55 7.87 -6.18
N GLU A 58 -2.95 9.09 -5.84
CA GLU A 58 -2.10 9.96 -5.04
C GLU A 58 -1.91 9.40 -3.63
N VAL A 59 -0.67 9.01 -3.34
CA VAL A 59 -0.37 8.41 -2.05
C VAL A 59 0.79 9.14 -1.39
N SER A 60 0.50 9.75 -0.24
CA SER A 60 1.51 10.45 0.51
C SER A 60 1.68 9.79 1.87
N THR A 61 2.61 10.28 2.67
CA THR A 61 2.96 9.62 3.92
C THR A 61 1.76 9.50 4.86
N GLU A 62 0.94 10.54 4.91
CA GLU A 62 -0.21 10.55 5.80
C GLU A 62 -1.18 9.42 5.46
N ASP A 63 -1.23 9.04 4.20
CA ASP A 63 -2.14 7.99 3.74
C ASP A 63 -1.74 6.64 4.34
N VAL A 64 -0.46 6.31 4.26
CA VAL A 64 0.03 5.03 4.77
C VAL A 64 0.05 5.04 6.30
N PHE A 65 0.37 6.18 6.88
CA PHE A 65 0.42 6.34 8.33
C PHE A 65 -0.98 6.27 8.93
N ARG A 66 -1.96 6.71 8.15
CA ARG A 66 -3.35 6.76 8.58
C ARG A 66 -3.88 5.38 8.96
N HIS A 67 -3.65 4.39 8.10
CA HIS A 67 -4.22 3.07 8.32
C HIS A 67 -3.23 2.14 9.04
N GLY A 68 -1.94 2.43 8.93
CA GLY A 68 -0.93 1.65 9.63
C GLY A 68 -0.69 0.26 9.04
N THR A 69 -1.68 -0.27 8.33
CA THR A 69 -1.57 -1.60 7.74
C THR A 69 -1.86 -1.55 6.25
N VAL A 70 -1.08 -2.33 5.48
CA VAL A 70 -1.16 -2.30 4.02
C VAL A 70 -2.45 -2.90 3.50
N GLU A 71 -3.06 -3.77 4.30
CA GLU A 71 -4.32 -4.39 3.95
C GLU A 71 -5.39 -3.32 3.72
N GLN A 72 -5.48 -2.40 4.66
CA GLN A 72 -6.44 -1.30 4.58
C GLN A 72 -5.96 -0.23 3.60
N LEU A 73 -4.65 -0.14 3.40
CA LEU A 73 -4.10 0.79 2.42
C LEU A 73 -4.55 0.42 1.03
N ALA A 74 -4.40 -0.85 0.69
CA ALA A 74 -4.81 -1.34 -0.60
C ALA A 74 -6.32 -1.19 -0.76
N ARG A 75 -7.04 -1.30 0.35
CA ARG A 75 -8.50 -1.25 0.32
C ARG A 75 -9.00 0.09 -0.21
N PHE A 76 -8.48 1.19 0.33
CA PHE A 76 -8.94 2.52 -0.08
C PHE A 76 -8.44 2.84 -1.48
N VAL A 77 -7.36 2.20 -1.87
CA VAL A 77 -6.78 2.41 -3.19
C VAL A 77 -7.52 1.61 -4.25
N GLU A 78 -7.81 0.35 -3.94
CA GLU A 78 -8.51 -0.53 -4.86
C GLU A 78 -9.78 0.12 -5.39
N GLN A 79 -10.61 0.61 -4.47
CA GLN A 79 -11.87 1.25 -4.85
C GLN A 79 -11.62 2.51 -5.68
N SER A 80 -10.61 3.27 -5.29
CA SER A 80 -10.28 4.52 -5.98
C SER A 80 -9.79 4.27 -7.40
N ARG A 81 -8.91 3.29 -7.57
CA ARG A 81 -8.34 3.04 -8.89
C ARG A 81 -9.30 2.22 -9.75
N ASP A 82 -10.26 1.56 -9.12
CA ASP A 82 -11.27 0.79 -9.84
C ASP A 82 -12.34 1.72 -10.41
N THR A 83 -12.71 2.72 -9.62
CA THR A 83 -13.71 3.69 -10.06
C THR A 83 -13.15 4.61 -11.14
N GLY A 84 -11.85 4.84 -11.09
CA GLY A 84 -11.22 5.62 -12.15
C GLY A 84 -9.97 6.34 -11.67
N ARG A 85 -8.86 6.11 -12.36
CA ARG A 85 -7.62 6.82 -12.07
C ARG A 85 -7.63 8.19 -12.74
N ASN A 86 -8.43 8.31 -13.79
CA ASN A 86 -8.60 9.59 -14.48
C ASN A 86 -9.59 10.46 -13.73
N PRO A 87 -9.52 11.79 -13.92
CA PRO A 87 -10.49 12.73 -13.36
C PRO A 87 -11.91 12.29 -13.67
N ALA A 88 -12.77 12.37 -12.65
CA ALA A 88 -14.13 11.87 -12.74
C ALA A 88 -14.88 12.45 -13.93
N ALA A 89 -15.01 11.66 -14.98
CA ALA A 89 -15.79 12.02 -16.14
C ALA A 89 -17.11 11.25 -16.12
N GLN A 90 -17.01 9.96 -15.89
CA GLN A 90 -18.18 9.10 -15.78
C GLN A 90 -18.25 8.47 -14.40
N THR A 91 -17.25 8.78 -13.58
CA THR A 91 -17.16 8.24 -12.22
C THR A 91 -18.26 8.81 -11.33
N GLN A 92 -18.61 10.06 -11.56
CA GLN A 92 -19.65 10.70 -10.79
C GLN A 92 -20.85 11.01 -11.69
N GLY A 1 6.46 -16.71 -5.62
CA GLY A 1 6.53 -15.51 -4.77
C GLY A 1 5.15 -15.06 -4.32
N PRO A 2 5.06 -14.21 -3.29
CA PRO A 2 3.79 -13.74 -2.76
C PRO A 2 3.13 -12.71 -3.66
N MET A 3 2.48 -13.18 -4.71
CA MET A 3 1.75 -12.31 -5.61
C MET A 3 0.30 -12.21 -5.18
N ALA A 4 -0.34 -13.37 -5.01
CA ALA A 4 -1.74 -13.45 -4.58
C ALA A 4 -2.64 -12.61 -5.47
N THR A 5 -2.80 -13.06 -6.71
CA THR A 5 -3.63 -12.35 -7.66
C THR A 5 -5.10 -12.73 -7.48
N ALA A 6 -5.34 -13.95 -7.00
CA ALA A 6 -6.69 -14.45 -6.82
C ALA A 6 -7.28 -14.01 -5.48
N VAL A 7 -7.35 -12.71 -5.29
CA VAL A 7 -7.88 -12.13 -4.07
C VAL A 7 -8.92 -11.07 -4.44
N GLN A 8 -9.85 -10.78 -3.54
CA GLN A 8 -10.83 -9.71 -3.77
C GLN A 8 -10.09 -8.40 -4.01
N ASN A 9 -9.18 -8.07 -3.12
CA ASN A 9 -8.29 -6.93 -3.30
C ASN A 9 -6.85 -7.42 -3.32
N PRO A 10 -6.38 -7.92 -4.48
CA PRO A 10 -5.06 -8.56 -4.58
C PRO A 10 -3.92 -7.54 -4.45
N LEU A 11 -4.29 -6.28 -4.46
CA LEU A 11 -3.32 -5.20 -4.33
C LEU A 11 -2.59 -5.25 -3.00
N GLU A 12 -3.29 -5.68 -1.95
CA GLU A 12 -2.74 -5.65 -0.59
C GLU A 12 -1.42 -6.41 -0.53
N THR A 13 -1.20 -7.31 -1.47
CA THR A 13 -0.05 -8.17 -1.44
C THR A 13 1.18 -7.53 -2.10
N VAL A 14 0.96 -6.56 -2.98
CA VAL A 14 2.06 -5.89 -3.65
C VAL A 14 2.60 -4.75 -2.78
N VAL A 15 1.75 -4.25 -1.89
CA VAL A 15 2.08 -3.10 -1.04
C VAL A 15 3.26 -3.40 -0.13
N LEU A 16 3.13 -4.44 0.69
CA LEU A 16 4.16 -4.81 1.65
C LEU A 16 5.40 -5.34 0.96
N GLN A 17 5.23 -5.82 -0.28
CA GLN A 17 6.35 -6.29 -1.08
C GLN A 17 7.39 -5.17 -1.17
N ALA A 18 6.90 -3.94 -1.33
CA ALA A 18 7.77 -2.77 -1.38
C ALA A 18 8.40 -2.52 -0.01
N TRP A 19 7.61 -2.67 1.04
CA TRP A 19 8.08 -2.41 2.41
C TRP A 19 9.20 -3.38 2.79
N LYS A 20 9.10 -4.61 2.31
CA LYS A 20 10.12 -5.62 2.55
C LYS A 20 11.46 -5.19 1.96
N ASP A 21 11.39 -4.36 0.93
CA ASP A 21 12.59 -3.81 0.31
C ASP A 21 13.04 -2.54 1.05
N ILE A 22 12.07 -1.73 1.46
CA ILE A 22 12.35 -0.46 2.13
C ILE A 22 13.02 -0.66 3.49
N SER A 23 12.31 -1.32 4.40
CA SER A 23 12.81 -1.52 5.75
C SER A 23 13.61 -2.83 5.85
N GLY A 24 13.41 -3.72 4.89
CA GLY A 24 14.12 -4.98 4.91
C GLY A 24 13.36 -6.05 5.67
N ALA A 25 12.22 -5.68 6.23
CA ALA A 25 11.41 -6.60 7.01
C ALA A 25 10.56 -7.48 6.10
N ASP A 26 11.04 -8.69 5.84
CA ASP A 26 10.35 -9.61 4.95
C ASP A 26 9.30 -10.42 5.69
N ASP A 27 9.35 -10.36 7.02
CA ASP A 27 8.39 -11.11 7.85
C ASP A 27 7.15 -10.27 8.15
N PHE A 28 6.81 -9.39 7.22
CA PHE A 28 5.67 -8.52 7.36
C PHE A 28 4.44 -9.16 6.70
N THR A 29 3.28 -9.05 7.34
CA THR A 29 2.04 -9.56 6.76
C THR A 29 1.11 -8.40 6.41
N THR A 30 0.07 -8.65 5.63
CA THR A 30 -0.78 -7.57 5.15
C THR A 30 -1.62 -6.97 6.27
N THR A 31 -2.08 -7.82 7.19
CA THR A 31 -2.90 -7.36 8.30
C THR A 31 -2.03 -6.80 9.42
N ASP A 32 -0.72 -6.77 9.21
CA ASP A 32 0.22 -6.26 10.19
C ASP A 32 0.46 -4.77 9.95
N SER A 33 0.69 -4.04 11.03
CA SER A 33 0.88 -2.60 10.94
C SER A 33 2.37 -2.25 10.96
N PHE A 34 2.77 -1.27 10.15
CA PHE A 34 4.16 -0.85 10.08
C PHE A 34 4.65 -0.39 11.45
N LEU A 35 3.85 0.45 12.07
CA LEU A 35 4.26 1.17 13.26
C LEU A 35 4.44 0.23 14.44
N GLY A 36 3.54 -0.73 14.57
CA GLY A 36 3.69 -1.75 15.60
C GLY A 36 4.79 -2.74 15.26
N HIS A 37 5.36 -2.59 14.07
CA HIS A 37 6.45 -3.43 13.62
C HIS A 37 7.74 -2.59 13.58
N GLY A 38 7.76 -1.51 14.36
CA GLY A 38 8.91 -0.63 14.36
C GLY A 38 8.98 0.18 13.09
N GLY A 39 7.91 0.91 12.80
CA GLY A 39 7.83 1.65 11.56
C GLY A 39 8.60 2.96 11.61
N ASN A 40 9.49 3.14 10.64
CA ASN A 40 10.29 4.35 10.56
C ASN A 40 9.53 5.44 9.82
N WP9 A 41 9.51 6.61 10.41
CA WP9 A 41 8.70 7.72 9.95
C WP9 A 41 9.04 8.14 8.53
O WP9 A 41 8.18 8.53 7.76
CB WP9 A 41 8.87 8.92 10.90
OG WP9 A 41 9.92 9.77 10.47
P24 WP9 A 41 10.09 11.24 11.10
C11 WP9 A 41 2.65 12.07 10.34
O11 WP9 A 41 3.61 11.43 10.76
C12 WP9 A 41 1.34 11.61 10.49
C13 WP9 A 41 0.67 11.82 11.70
N13 WP9 A 41 1.33 12.47 12.66
C14 WP9 A 41 0.71 10.94 9.46
C15 WP9 A 41 -0.63 11.37 11.88
C16 WP9 A 41 -0.61 10.48 9.63
C17 WP9 A 41 -1.28 10.70 10.84
O23 WP9 A 41 10.05 11.06 12.69
O26 WP9 A 41 11.33 11.93 10.67
O27 WP9 A 41 8.74 12.01 10.67
C28 WP9 A 41 8.59 12.52 9.36
C29 WP9 A 41 7.14 12.38 8.88
C30 WP9 A 41 7.04 12.75 7.41
C31 WP9 A 41 6.69 10.93 9.00
C32 WP9 A 41 6.19 13.27 9.71
O33 WP9 A 41 6.37 13.01 11.12
C34 WP9 A 41 6.44 14.76 9.45
O35 WP9 A 41 7.25 15.41 10.11
N36 WP9 A 41 5.70 15.27 8.46
C37 WP9 A 41 5.78 16.67 8.05
C38 WP9 A 41 4.85 16.92 6.87
C39 WP9 A 41 3.46 16.35 7.13
O40 WP9 A 41 2.60 17.03 7.71
N41 WP9 A 41 3.29 15.08 6.73
C42 WP9 A 41 2.03 14.37 6.92
C43 WP9 A 41 2.22 13.17 7.83
S44 WP9 A 41 2.80 13.61 9.49
H1 WP9 A 41 10.07 6.74 11.21
HA WP9 A 41 7.66 7.42 9.98
HB1 WP9 A 41 9.10 8.55 11.89
HB2 WP9 A 41 7.95 9.49 10.94
H131 WP9 A 41 1.49 12.03 13.54
H132 WP9 A 41 1.65 13.40 12.50
H14 WP9 A 41 1.24 10.73 8.53
H15 WP9 A 41 -1.14 11.53 12.82
H16 WP9 A 41 -1.11 9.96 8.82
H17 WP9 A 41 -2.29 10.34 10.97
H281 WP9 A 41 8.88 13.58 9.34
H282 WP9 A 41 9.24 11.94 8.68
H302 WP9 A 41 6.01 12.65 7.07
H303 WP9 A 41 7.69 12.09 6.82
H301 WP9 A 41 7.38 13.78 7.26
H312 WP9 A 41 6.70 10.63 10.05
H313 WP9 A 41 7.38 10.29 8.43
H311 WP9 A 41 5.69 10.82 8.59
H32 WP9 A 41 5.15 13.04 9.44
H33 WP9 A 41 7.31 13.22 11.37
H36 WP9 A 41 5.04 14.73 7.94
H371 WP9 A 41 6.82 16.89 7.75
H372 WP9 A 41 5.47 17.31 8.89
H381 WP9 A 41 5.27 16.43 5.97
H382 WP9 A 41 4.77 18.00 6.70
H41 WP9 A 41 4.01 14.54 6.30
H422 WP9 A 41 1.29 15.05 7.39
H421 WP9 A 41 1.67 14.02 5.94
H431 WP9 A 41 1.24 12.65 7.92
H432 WP9 A 41 2.97 12.51 7.36
N LEU A 42 10.33 8.05 8.17
CA LEU A 42 10.78 8.48 6.85
C LEU A 42 10.55 7.37 5.84
N HIS A 43 10.51 6.13 6.32
CA HIS A 43 10.22 4.99 5.46
C HIS A 43 8.79 5.05 4.95
N PHE A 44 7.90 5.60 5.78
CA PHE A 44 6.51 5.81 5.39
C PHE A 44 6.45 6.75 4.19
N VAL A 45 7.29 7.77 4.23
CA VAL A 45 7.36 8.77 3.17
C VAL A 45 7.75 8.12 1.85
N GLN A 46 8.85 7.37 1.87
CA GLN A 46 9.36 6.71 0.68
C GLN A 46 8.38 5.65 0.18
N LEU A 47 7.80 4.91 1.12
CA LEU A 47 6.82 3.88 0.80
C LEU A 47 5.66 4.46 0.01
N ALA A 48 5.04 5.50 0.57
CA ALA A 48 3.85 6.11 -0.01
C ALA A 48 4.06 6.48 -1.47
N SER A 49 5.12 7.23 -1.73
CA SER A 49 5.40 7.70 -3.08
C SER A 49 5.87 6.56 -3.98
N ARG A 50 6.46 5.52 -3.39
CA ARG A 50 6.85 4.34 -4.15
C ARG A 50 5.63 3.55 -4.58
N LEU A 51 4.64 3.49 -3.70
CA LEU A 51 3.41 2.75 -3.95
C LEU A 51 2.65 3.33 -5.13
N GLN A 52 2.84 4.62 -5.39
CA GLN A 52 2.17 5.29 -6.51
C GLN A 52 2.42 4.57 -7.83
N LYS A 53 3.60 3.97 -7.94
CA LYS A 53 3.98 3.27 -9.17
C LYS A 53 3.05 2.08 -9.43
N ILE A 54 2.86 1.28 -8.38
CA ILE A 54 2.08 0.05 -8.49
C ILE A 54 0.60 0.28 -8.23
N PHE A 55 0.26 1.40 -7.63
CA PHE A 55 -1.13 1.71 -7.30
C PHE A 55 -1.81 2.49 -8.41
N GLY A 56 -1.05 3.36 -9.07
CA GLY A 56 -1.60 4.25 -10.06
C GLY A 56 -2.38 5.39 -9.44
N VAL A 57 -2.24 5.51 -8.12
CA VAL A 57 -2.91 6.54 -7.35
C VAL A 57 -1.91 7.20 -6.42
N GLU A 58 -2.05 8.51 -6.22
CA GLU A 58 -1.14 9.24 -5.35
C GLU A 58 -1.30 8.83 -3.89
N VAL A 59 -0.20 8.45 -3.28
CA VAL A 59 -0.18 8.09 -1.87
C VAL A 59 0.83 8.94 -1.14
N SER A 60 0.43 9.47 0.00
CA SER A 60 1.31 10.32 0.78
C SER A 60 1.59 9.70 2.14
N THR A 61 2.52 10.28 2.89
CA THR A 61 2.92 9.72 4.17
C THR A 61 1.72 9.57 5.10
N GLU A 62 0.83 10.56 5.05
CA GLU A 62 -0.38 10.56 5.87
C GLU A 62 -1.19 9.29 5.65
N ASP A 63 -1.29 8.86 4.40
CA ASP A 63 -2.10 7.71 4.04
C ASP A 63 -1.57 6.44 4.71
N VAL A 64 -0.30 6.14 4.49
CA VAL A 64 0.30 4.90 4.97
C VAL A 64 0.39 4.88 6.50
N PHE A 65 0.59 6.05 7.08
CA PHE A 65 0.71 6.18 8.53
C PHE A 65 -0.65 6.05 9.20
N ARG A 66 -1.67 6.57 8.53
CA ARG A 66 -3.02 6.63 9.09
C ARG A 66 -3.67 5.24 9.18
N HIS A 67 -3.58 4.45 8.11
CA HIS A 67 -4.26 3.16 8.10
C HIS A 67 -3.46 2.11 8.85
N GLY A 68 -2.16 2.35 8.99
CA GLY A 68 -1.31 1.45 9.75
C GLY A 68 -0.94 0.18 8.99
N THR A 69 -1.91 -0.43 8.32
CA THR A 69 -1.70 -1.71 7.66
C THR A 69 -1.78 -1.57 6.14
N VAL A 70 -1.03 -2.41 5.45
CA VAL A 70 -1.05 -2.44 3.99
C VAL A 70 -2.38 -2.98 3.49
N GLU A 71 -3.04 -3.77 4.32
CA GLU A 71 -4.34 -4.33 4.00
C GLU A 71 -5.38 -3.20 3.90
N GLN A 72 -5.33 -2.28 4.85
CA GLN A 72 -6.25 -1.15 4.86
C GLN A 72 -5.80 -0.05 3.90
N LEU A 73 -4.53 -0.06 3.55
CA LEU A 73 -4.04 0.83 2.50
C LEU A 73 -4.64 0.41 1.17
N ALA A 74 -4.56 -0.88 0.90
CA ALA A 74 -5.13 -1.43 -0.32
C ALA A 74 -6.62 -1.19 -0.37
N ARG A 75 -7.23 -1.15 0.80
CA ARG A 75 -8.66 -0.93 0.92
C ARG A 75 -9.07 0.40 0.26
N PHE A 76 -8.30 1.45 0.52
CA PHE A 76 -8.64 2.76 -0.03
C PHE A 76 -8.16 2.88 -1.47
N VAL A 77 -7.02 2.25 -1.79
CA VAL A 77 -6.46 2.35 -3.13
C VAL A 77 -7.34 1.62 -4.14
N GLU A 78 -7.67 0.37 -3.85
CA GLU A 78 -8.47 -0.44 -4.75
C GLU A 78 -9.83 0.22 -5.01
N GLN A 79 -10.46 0.71 -3.95
CA GLN A 79 -11.75 1.39 -4.09
C GLN A 79 -11.60 2.70 -4.87
N SER A 80 -10.45 3.35 -4.73
CA SER A 80 -10.19 4.61 -5.40
C SER A 80 -10.04 4.42 -6.90
N ARG A 81 -9.23 3.43 -7.28
CA ARG A 81 -8.92 3.22 -8.69
C ARG A 81 -10.04 2.45 -9.40
N ASP A 82 -10.86 1.74 -8.64
CA ASP A 82 -11.94 0.94 -9.21
C ASP A 82 -13.05 1.81 -9.80
N THR A 83 -13.08 3.07 -9.40
CA THR A 83 -14.12 3.98 -9.87
C THR A 83 -14.02 4.21 -11.38
N GLY A 84 -12.81 4.12 -11.89
CA GLY A 84 -12.58 4.31 -13.31
C GLY A 84 -11.41 5.23 -13.58
N ARG A 85 -10.21 4.76 -13.25
CA ARG A 85 -9.01 5.57 -13.43
C ARG A 85 -8.03 4.87 -14.37
N ASN A 86 -8.53 3.86 -15.08
CA ASN A 86 -7.72 3.06 -16.02
C ASN A 86 -6.69 2.19 -15.28
N PRO A 87 -6.75 0.86 -15.47
CA PRO A 87 -5.77 -0.06 -14.88
C PRO A 87 -4.39 0.05 -15.52
N ALA A 88 -3.67 1.12 -15.16
CA ALA A 88 -2.33 1.37 -15.68
C ALA A 88 -2.33 1.47 -17.19
N ALA A 89 -3.25 2.29 -17.71
CA ALA A 89 -3.45 2.49 -19.15
C ALA A 89 -3.95 1.22 -19.82
N GLN A 90 -5.13 1.32 -20.45
CA GLN A 90 -5.77 0.19 -21.11
C GLN A 90 -6.11 -0.92 -20.10
N THR A 91 -6.33 -2.12 -20.62
CA THR A 91 -6.62 -3.30 -19.80
C THR A 91 -8.01 -3.18 -19.18
N GLN A 92 -8.92 -2.55 -19.91
CA GLN A 92 -10.29 -2.39 -19.48
C GLN A 92 -11.21 -2.55 -20.69
N GLY A 1 8.38 -16.00 -3.56
CA GLY A 1 7.48 -15.02 -4.22
C GLY A 1 6.31 -14.62 -3.34
N PRO A 2 6.47 -13.53 -2.56
CA PRO A 2 5.45 -13.09 -1.59
C PRO A 2 4.10 -12.78 -2.23
N MET A 3 4.11 -12.31 -3.49
CA MET A 3 2.89 -11.92 -4.18
C MET A 3 2.06 -13.14 -4.59
N ALA A 4 2.68 -14.31 -4.51
CA ALA A 4 2.00 -15.55 -4.86
C ALA A 4 1.59 -16.31 -3.60
N THR A 5 0.55 -17.13 -3.72
CA THR A 5 0.04 -17.93 -2.61
C THR A 5 -0.58 -17.05 -1.53
N ALA A 6 -1.85 -16.74 -1.70
CA ALA A 6 -2.57 -15.88 -0.78
C ALA A 6 -4.07 -16.16 -0.87
N VAL A 7 -4.84 -15.43 -0.08
CA VAL A 7 -6.30 -15.52 -0.13
C VAL A 7 -6.82 -14.34 -0.94
N GLN A 8 -6.70 -14.46 -2.26
CA GLN A 8 -6.91 -13.36 -3.20
C GLN A 8 -5.78 -12.35 -3.04
N ASN A 9 -5.94 -11.44 -2.07
CA ASN A 9 -4.95 -10.40 -1.79
C ASN A 9 -4.45 -9.74 -3.08
N PRO A 10 -5.34 -9.11 -3.86
CA PRO A 10 -4.99 -8.57 -5.18
C PRO A 10 -3.89 -7.52 -5.10
N LEU A 11 -4.25 -6.31 -4.70
CA LEU A 11 -3.28 -5.25 -4.52
C LEU A 11 -2.56 -5.39 -3.20
N GLU A 12 -3.28 -5.97 -2.24
CA GLU A 12 -2.86 -6.03 -0.84
C GLU A 12 -1.43 -6.53 -0.70
N THR A 13 -1.01 -7.39 -1.61
CA THR A 13 0.27 -8.04 -1.49
C THR A 13 1.43 -7.22 -2.06
N VAL A 14 1.14 -6.28 -2.96
CA VAL A 14 2.20 -5.49 -3.55
C VAL A 14 2.63 -4.39 -2.58
N VAL A 15 1.69 -3.95 -1.76
CA VAL A 15 1.92 -2.87 -0.81
C VAL A 15 3.06 -3.21 0.13
N LEU A 16 2.93 -4.31 0.85
CA LEU A 16 3.95 -4.74 1.80
C LEU A 16 5.16 -5.30 1.07
N GLN A 17 4.95 -5.76 -0.17
CA GLN A 17 6.06 -6.25 -0.98
C GLN A 17 7.08 -5.14 -1.17
N ALA A 18 6.58 -3.92 -1.31
CA ALA A 18 7.42 -2.74 -1.36
C ALA A 18 8.12 -2.53 -0.02
N TRP A 19 7.35 -2.67 1.05
CA TRP A 19 7.86 -2.46 2.42
C TRP A 19 8.96 -3.47 2.76
N LYS A 20 8.82 -4.70 2.25
CA LYS A 20 9.82 -5.73 2.46
C LYS A 20 11.18 -5.30 1.90
N ASP A 21 11.14 -4.47 0.86
CA ASP A 21 12.36 -3.94 0.26
C ASP A 21 12.85 -2.73 1.04
N ILE A 22 11.91 -1.95 1.56
CA ILE A 22 12.23 -0.71 2.27
C ILE A 22 12.88 -1.00 3.62
N SER A 23 12.16 -1.71 4.47
CA SER A 23 12.63 -1.99 5.82
C SER A 23 13.47 -3.26 5.86
N GLY A 24 13.18 -4.17 4.95
CA GLY A 24 13.82 -5.47 4.96
C GLY A 24 12.97 -6.48 5.71
N ALA A 25 11.78 -6.06 6.12
CA ALA A 25 10.87 -6.92 6.85
C ALA A 25 10.13 -7.85 5.90
N ASP A 26 10.79 -8.93 5.51
CA ASP A 26 10.18 -9.92 4.63
C ASP A 26 9.14 -10.73 5.39
N ASP A 27 9.24 -10.72 6.70
CA ASP A 27 8.31 -11.44 7.57
C ASP A 27 7.04 -10.62 7.81
N PHE A 28 7.08 -9.35 7.43
CA PHE A 28 5.96 -8.44 7.61
C PHE A 28 4.74 -8.95 6.86
N THR A 29 3.64 -9.13 7.57
CA THR A 29 2.42 -9.66 6.98
C THR A 29 1.45 -8.54 6.59
N THR A 30 0.43 -8.86 5.81
CA THR A 30 -0.47 -7.84 5.28
C THR A 30 -1.38 -7.27 6.36
N THR A 31 -1.70 -8.09 7.35
CA THR A 31 -2.57 -7.66 8.43
C THR A 31 -1.76 -7.02 9.56
N ASP A 32 -0.47 -6.85 9.31
CA ASP A 32 0.43 -6.24 10.29
C ASP A 32 0.57 -4.75 10.00
N SER A 33 1.08 -4.01 10.97
CA SER A 33 1.23 -2.57 10.82
C SER A 33 2.70 -2.18 10.87
N PHE A 34 3.08 -1.22 10.04
CA PHE A 34 4.47 -0.76 9.98
C PHE A 34 4.94 -0.32 11.36
N LEU A 35 4.06 0.42 12.03
CA LEU A 35 4.40 1.09 13.26
C LEU A 35 4.50 0.10 14.42
N GLY A 36 3.80 -1.03 14.29
CA GLY A 36 3.86 -2.05 15.31
C GLY A 36 5.15 -2.83 15.25
N HIS A 37 5.71 -2.94 14.05
CA HIS A 37 6.98 -3.63 13.84
C HIS A 37 8.14 -2.70 14.12
N GLY A 38 7.84 -1.41 14.21
CA GLY A 38 8.87 -0.41 14.37
C GLY A 38 8.98 0.46 13.14
N GLY A 39 8.07 1.41 13.03
CA GLY A 39 7.97 2.20 11.82
C GLY A 39 8.80 3.47 11.88
N ASN A 40 9.71 3.61 10.94
CA ASN A 40 10.53 4.81 10.83
C ASN A 40 9.81 5.84 10.00
N WP9 A 41 9.87 7.06 10.49
CA WP9 A 41 9.07 8.16 9.96
C WP9 A 41 9.38 8.43 8.49
O WP9 A 41 8.49 8.75 7.72
CB WP9 A 41 9.30 9.42 10.78
OG WP9 A 41 10.39 10.18 10.26
P24 WP9 A 41 10.48 11.76 10.58
C11 WP9 A 41 2.63 13.90 10.15
O11 WP9 A 41 3.48 14.72 9.82
C12 WP9 A 41 2.35 13.65 11.50
C13 WP9 A 41 1.76 14.64 12.30
N13 WP9 A 41 1.45 15.79 11.71
C14 WP9 A 41 2.68 12.43 12.06
C15 WP9 A 41 1.51 14.41 13.64
C16 WP9 A 41 2.44 12.19 13.42
C17 WP9 A 41 1.85 13.18 14.21
O23 WP9 A 41 10.56 11.89 12.18
O26 WP9 A 41 11.62 12.42 9.92
O27 WP9 A 41 9.04 12.34 10.13
C28 WP9 A 41 8.76 12.59 8.76
C29 WP9 A 41 7.25 12.52 8.49
C30 WP9 A 41 6.98 12.73 7.01
C31 WP9 A 41 6.74 11.12 8.85
C32 WP9 A 41 6.48 13.57 9.32
O33 WP9 A 41 6.78 13.43 10.72
C34 WP9 A 41 6.84 15.00 8.87
O35 WP9 A 41 7.81 15.59 9.35
N36 WP9 A 41 6.03 15.51 7.95
C37 WP9 A 41 6.21 16.85 7.39
C38 WP9 A 41 5.09 17.16 6.40
C39 WP9 A 41 3.76 16.62 6.93
O40 WP9 A 41 3.06 17.28 7.69
N41 WP9 A 41 3.44 15.39 6.49
C42 WP9 A 41 2.20 14.70 6.89
C43 WP9 A 41 2.54 13.34 7.46
S44 WP9 A 41 1.69 12.94 9.02
H1 WP9 A 41 10.49 7.26 11.22
HA WP9 A 41 8.03 7.87 10.05
HB1 WP9 A 41 9.52 9.14 11.80
HB2 WP9 A 41 8.40 10.03 10.77
H131 WP9 A 41 0.51 16.11 11.70
H132 WP9 A 41 2.17 16.34 11.28
H14 WP9 A 41 3.14 11.65 11.45
H15 WP9 A 41 1.05 15.19 14.25
H16 WP9 A 41 2.70 11.23 13.86
H17 WP9 A 41 1.65 13.00 15.27
H281 WP9 A 41 9.13 13.59 8.50
H282 WP9 A 41 9.26 11.83 8.15
H302 WP9 A 41 7.35 13.71 6.71
H303 WP9 A 41 5.90 12.67 6.82
H301 WP9 A 41 7.49 11.95 6.44
H312 WP9 A 41 5.67 11.05 8.64
H313 WP9 A 41 6.91 10.93 9.91
H311 WP9 A 41 7.27 10.38 8.25
H32 WP9 A 41 5.41 13.43 9.16
H33 WP9 A 41 6.50 12.52 11.02
H36 WP9 A 41 5.24 15.01 7.58
H371 WP9 A 41 7.17 16.90 6.88
H372 WP9 A 41 6.16 17.59 8.21
H381 WP9 A 41 5.32 16.66 5.44
H382 WP9 A 41 5.00 18.25 6.28
H41 WP9 A 41 4.02 14.87 5.86
H422 WP9 A 41 1.71 15.30 7.66
H421 WP9 A 41 1.57 14.57 6.01
H431 WP9 A 41 2.27 12.58 6.72
H432 WP9 A 41 3.62 13.31 7.65
N LEU A 42 10.65 8.27 8.12
CA LEU A 42 11.05 8.53 6.74
C LEU A 42 10.74 7.33 5.86
N HIS A 43 10.73 6.14 6.45
CA HIS A 43 10.39 4.92 5.72
C HIS A 43 8.95 4.98 5.23
N PHE A 44 8.09 5.67 5.99
CA PHE A 44 6.70 5.88 5.57
C PHE A 44 6.66 6.73 4.31
N VAL A 45 7.51 7.75 4.27
CA VAL A 45 7.56 8.69 3.15
C VAL A 45 7.99 7.98 1.88
N GLN A 46 9.06 7.20 1.98
CA GLN A 46 9.60 6.47 0.85
C GLN A 46 8.62 5.40 0.37
N LEU A 47 7.94 4.78 1.32
CA LEU A 47 6.92 3.78 1.03
C LEU A 47 5.77 4.39 0.27
N ALA A 48 5.18 5.42 0.87
CA ALA A 48 3.98 6.05 0.36
C ALA A 48 4.12 6.45 -1.11
N SER A 49 5.16 7.19 -1.42
CA SER A 49 5.33 7.73 -2.75
C SER A 49 5.73 6.63 -3.74
N ARG A 50 6.31 5.55 -3.22
CA ARG A 50 6.65 4.39 -4.05
C ARG A 50 5.39 3.65 -4.46
N LEU A 51 4.44 3.57 -3.53
CA LEU A 51 3.18 2.87 -3.77
C LEU A 51 2.42 3.50 -4.92
N GLN A 52 2.57 4.80 -5.11
CA GLN A 52 1.88 5.52 -6.18
C GLN A 52 2.17 4.90 -7.55
N LYS A 53 3.35 4.33 -7.72
CA LYS A 53 3.74 3.74 -8.98
C LYS A 53 2.93 2.48 -9.27
N ILE A 54 2.79 1.64 -8.25
CA ILE A 54 2.12 0.35 -8.43
C ILE A 54 0.61 0.46 -8.19
N PHE A 55 0.19 1.50 -7.49
CA PHE A 55 -1.22 1.71 -7.21
C PHE A 55 -1.91 2.46 -8.34
N GLY A 56 -1.17 3.37 -8.96
CA GLY A 56 -1.76 4.26 -9.94
C GLY A 56 -2.53 5.38 -9.27
N VAL A 57 -2.34 5.48 -7.96
CA VAL A 57 -3.03 6.48 -7.15
C VAL A 57 -2.01 7.26 -6.32
N GLU A 58 -2.27 8.55 -6.14
CA GLU A 58 -1.38 9.42 -5.39
C GLU A 58 -1.37 9.03 -3.92
N VAL A 59 -0.19 8.67 -3.43
CA VAL A 59 -0.05 8.27 -2.03
C VAL A 59 1.04 9.09 -1.35
N SER A 60 0.72 9.63 -0.20
CA SER A 60 1.68 10.39 0.59
C SER A 60 1.82 9.79 1.98
N THR A 61 2.73 10.32 2.78
CA THR A 61 3.02 9.76 4.10
C THR A 61 1.76 9.67 4.95
N GLU A 62 0.94 10.71 4.86
CA GLU A 62 -0.31 10.79 5.60
C GLU A 62 -1.16 9.55 5.36
N ASP A 63 -1.22 9.10 4.11
CA ASP A 63 -2.06 7.97 3.71
C ASP A 63 -1.64 6.69 4.41
N VAL A 64 -0.34 6.39 4.39
CA VAL A 64 0.16 5.15 4.97
C VAL A 64 0.11 5.20 6.49
N PHE A 65 0.34 6.39 7.04
CA PHE A 65 0.30 6.60 8.48
C PHE A 65 -1.15 6.55 8.96
N ARG A 66 -2.06 6.94 8.08
CA ARG A 66 -3.48 7.00 8.38
C ARG A 66 -4.06 5.61 8.63
N HIS A 67 -3.74 4.66 7.76
CA HIS A 67 -4.35 3.33 7.87
C HIS A 67 -3.46 2.37 8.66
N GLY A 68 -2.16 2.67 8.75
CA GLY A 68 -1.25 1.89 9.55
C GLY A 68 -0.91 0.52 8.98
N THR A 69 -1.87 -0.09 8.28
CA THR A 69 -1.71 -1.44 7.76
C THR A 69 -1.87 -1.46 6.25
N VAL A 70 -1.18 -2.38 5.59
CA VAL A 70 -1.22 -2.49 4.14
C VAL A 70 -2.56 -3.02 3.66
N GLU A 71 -3.26 -3.74 4.54
CA GLU A 71 -4.59 -4.26 4.22
C GLU A 71 -5.56 -3.10 4.04
N GLN A 72 -5.61 -2.23 5.04
CA GLN A 72 -6.50 -1.08 5.01
C GLN A 72 -6.04 -0.04 3.99
N LEU A 73 -4.76 -0.12 3.61
CA LEU A 73 -4.25 0.72 2.52
C LEU A 73 -4.76 0.21 1.19
N ALA A 74 -4.57 -1.07 0.94
CA ALA A 74 -4.98 -1.68 -0.32
C ALA A 74 -6.48 -1.57 -0.53
N ARG A 75 -7.22 -1.61 0.57
CA ARG A 75 -8.67 -1.50 0.53
C ARG A 75 -9.10 -0.19 -0.13
N PHE A 76 -8.53 0.93 0.31
CA PHE A 76 -8.96 2.22 -0.22
C PHE A 76 -8.44 2.43 -1.64
N VAL A 77 -7.27 1.87 -1.93
CA VAL A 77 -6.67 2.03 -3.26
C VAL A 77 -7.47 1.28 -4.32
N GLU A 78 -7.73 0.00 -4.06
CA GLU A 78 -8.46 -0.83 -5.01
C GLU A 78 -9.84 -0.26 -5.33
N GLN A 79 -10.41 0.48 -4.37
CA GLN A 79 -11.69 1.15 -4.60
C GLN A 79 -11.49 2.44 -5.39
N SER A 80 -10.50 3.23 -5.01
CA SER A 80 -10.25 4.52 -5.64
C SER A 80 -9.87 4.35 -7.11
N ARG A 81 -9.08 3.33 -7.41
CA ARG A 81 -8.64 3.08 -8.78
C ARG A 81 -9.75 2.43 -9.60
N ASP A 82 -10.73 1.86 -8.92
CA ASP A 82 -11.84 1.19 -9.60
C ASP A 82 -12.93 2.20 -9.96
N THR A 83 -13.24 3.09 -9.01
CA THR A 83 -14.29 4.06 -9.21
C THR A 83 -13.79 5.26 -10.00
N GLY A 84 -12.53 5.63 -9.77
CA GLY A 84 -11.95 6.76 -10.45
C GLY A 84 -11.20 6.35 -11.69
N ARG A 85 -10.50 7.28 -12.30
CA ARG A 85 -9.74 7.01 -13.49
C ARG A 85 -8.24 7.15 -13.21
N ASN A 86 -7.89 7.06 -11.93
CA ASN A 86 -6.51 7.11 -11.46
C ASN A 86 -5.93 8.51 -11.58
N PRO A 87 -5.50 9.08 -10.45
CA PRO A 87 -4.82 10.37 -10.42
C PRO A 87 -3.38 10.24 -10.89
N ALA A 88 -2.79 11.36 -11.29
CA ALA A 88 -1.45 11.37 -11.89
C ALA A 88 -1.44 10.47 -13.13
N ALA A 89 -2.43 10.66 -13.98
CA ALA A 89 -2.60 9.84 -15.17
C ALA A 89 -1.87 10.45 -16.36
N GLN A 90 -1.70 9.65 -17.41
CA GLN A 90 -1.02 10.09 -18.60
C GLN A 90 -1.92 10.96 -19.47
N THR A 91 -1.56 12.22 -19.60
CA THR A 91 -2.34 13.17 -20.38
C THR A 91 -2.13 12.95 -21.87
N GLN A 92 -3.24 12.91 -22.61
CA GLN A 92 -3.17 12.79 -24.06
C GLN A 92 -2.72 14.13 -24.66
#